data_1NFB
#
_entry.id   1NFB
#
_cell.length_a   145.190
_cell.length_b   145.190
_cell.length_c   127.100
_cell.angle_alpha   90.00
_cell.angle_beta   90.00
_cell.angle_gamma   90.00
#
_symmetry.space_group_name_H-M   'I 4'
#
loop_
_entity.id
_entity.type
_entity.pdbx_description
1 polymer "Inosine-5'-monophosphate dehydrogenase 2"
2 non-polymer "6-CHLOROPURINE RIBOSIDE, 5'-MONOPHOSPHATE"
3 non-polymer NICOTINAMIDE-ADENINE-DINUCLEOTIDE
4 water water
#
_entity_poly.entity_id   1
_entity_poly.type   'polypeptide(L)'
_entity_poly.pdbx_seq_one_letter_code
;MADYLISGGTSYVPDDGLTAQQLFNCGDGLTYNDFLILPGYIDFTADQVDLTSALTKKITLKTPLVSSPMDTVTEAGMAI
AMALTGGIGFIHHNCTPEFQANEVRKVKKYEQGFITDPVVLSPKDRVRDVFEAKARHGFCGIPITDTGRMGSRLVGIISS
RDIDFLKEEEHDCFLEEIMTKREDLVVAPAGITLKEANEILQRSKKGKLPIVNEDDELVAIIARTDLKKNRDYPLASKDA
KKQLLCGAAIGTHEDDKYRLDLLAQAGVDVVVLDSSQGNSIFQINMIKYIKDKYPNLQVIGGNVVTAAQAKNLIDAGVDA
LRVGMGSGSICITQEVLACGRPQATAVYKVSEYARRFGVPVIADGGIQNVGHIAKALALGASTVMMGSLLAATTEAPGEY
FFSDGIRLKKYRGMGSLDAMDKHLSSQNRYFSEADKIKVAQGVSGAVQDKGSIHKFVPYLIAGIQHSCQDIGAKSLTQVR
AMMYSGELKFEKRTSSAQVEGGVHSLHSYEKRLF
;
_entity_poly.pdbx_strand_id   A,B
#
loop_
_chem_comp.id
_chem_comp.type
_chem_comp.name
_chem_comp.formula
CPR non-polymer '6-CHLOROPURINE RIBOSIDE, 5'-MONOPHOSPHATE' 'C10 H13 Cl N4 O7 P 1'
NAD non-polymer NICOTINAMIDE-ADENINE-DINUCLEOTIDE 'C21 H27 N7 O14 P2'
#
# COMPACT_ATOMS: atom_id res chain seq x y z
N THR A 10 13.49 -10.03 4.26
CA THR A 10 12.59 -9.26 3.35
C THR A 10 12.51 -7.79 3.77
N SER A 11 12.02 -7.53 4.98
CA SER A 11 11.91 -6.15 5.46
C SER A 11 10.98 -5.33 4.59
N TYR A 12 10.07 -5.99 3.90
CA TYR A 12 9.17 -5.24 3.05
C TYR A 12 7.84 -4.92 3.70
N VAL A 13 7.13 -5.91 4.19
CA VAL A 13 5.80 -5.73 4.80
C VAL A 13 4.79 -5.07 3.86
N PRO A 14 3.78 -5.84 3.44
CA PRO A 14 2.70 -5.45 2.53
C PRO A 14 2.05 -4.11 2.71
N ASP A 15 0.73 -4.16 2.67
CA ASP A 15 -0.11 -3.00 2.79
C ASP A 15 -1.41 -3.48 3.41
N ASP A 16 -1.99 -2.67 4.28
CA ASP A 16 -3.23 -3.04 4.92
C ASP A 16 -4.30 -1.96 4.83
N GLY A 17 -5.47 -2.27 5.37
CA GLY A 17 -6.58 -1.34 5.40
C GLY A 17 -6.91 -0.53 4.17
N LEU A 18 -7.99 0.23 4.29
CA LEU A 18 -8.43 1.07 3.21
C LEU A 18 -8.32 2.49 3.72
N THR A 19 -8.19 3.40 2.78
CA THR A 19 -8.10 4.82 3.05
C THR A 19 -9.52 5.23 3.40
N ALA A 20 -9.68 6.26 4.22
CA ALA A 20 -11.00 6.70 4.65
C ALA A 20 -11.96 6.98 3.48
N GLN A 21 -11.42 7.51 2.40
CA GLN A 21 -12.21 7.85 1.24
C GLN A 21 -12.74 6.58 0.60
N GLN A 22 -11.85 5.77 0.05
CA GLN A 22 -12.25 4.53 -0.58
C GLN A 22 -13.17 3.68 0.34
N LEU A 23 -13.37 4.12 1.57
CA LEU A 23 -14.22 3.36 2.49
C LEU A 23 -15.48 4.09 2.92
N PHE A 24 -15.42 5.42 2.97
CA PHE A 24 -16.59 6.20 3.41
C PHE A 24 -17.29 7.00 2.33
N ASN A 25 -16.80 6.91 1.11
CA ASN A 25 -17.40 7.65 0.02
C ASN A 25 -18.02 6.72 -1.05
N CYS A 26 -18.48 5.54 -0.63
CA CYS A 26 -19.07 4.59 -1.58
C CYS A 26 -20.13 3.63 -1.01
N GLY A 27 -21.39 3.85 -1.38
CA GLY A 27 -22.50 3.02 -0.93
C GLY A 27 -22.36 2.34 0.43
N ASP A 28 -21.82 3.06 1.39
CA ASP A 28 -21.64 2.46 2.69
C ASP A 28 -22.80 2.60 3.67
N GLY A 29 -22.86 3.73 4.34
CA GLY A 29 -23.90 3.92 5.33
C GLY A 29 -23.36 3.29 6.59
N LEU A 30 -22.12 3.64 6.90
CA LEU A 30 -21.45 3.10 8.08
C LEU A 30 -21.63 3.87 9.38
N THR A 31 -21.90 3.14 10.46
CA THR A 31 -22.07 3.74 11.77
C THR A 31 -20.73 3.58 12.49
N TYR A 32 -20.60 4.16 13.67
CA TYR A 32 -19.35 4.07 14.42
C TYR A 32 -18.92 2.67 14.71
N ASN A 33 -19.86 1.73 14.71
CA ASN A 33 -19.47 0.36 15.03
C ASN A 33 -19.16 -0.55 13.86
N ASP A 34 -19.26 -0.04 12.63
CA ASP A 34 -19.00 -0.87 11.47
C ASP A 34 -17.55 -0.93 11.02
N PHE A 35 -16.64 -0.31 11.75
CA PHE A 35 -15.23 -0.34 11.36
C PHE A 35 -14.32 -0.09 12.54
N LEU A 36 -13.04 -0.34 12.35
CA LEU A 36 -12.04 -0.15 13.38
C LEU A 36 -10.85 0.59 12.76
N ILE A 37 -9.88 0.98 13.57
CA ILE A 37 -8.74 1.69 13.02
C ILE A 37 -7.45 0.96 13.33
N LEU A 38 -6.84 0.36 12.32
CA LEU A 38 -5.58 -0.37 12.49
C LEU A 38 -4.53 0.54 13.15
N PRO A 39 -3.85 0.03 14.20
CA PRO A 39 -2.82 0.68 15.01
C PRO A 39 -1.51 0.97 14.29
N GLY A 40 -0.79 1.97 14.80
CA GLY A 40 0.48 2.35 14.21
C GLY A 40 1.69 2.03 15.09
N TYR A 41 2.61 2.99 15.11
CA TYR A 41 3.84 2.88 15.88
C TYR A 41 3.86 3.92 17.01
N ILE A 42 4.02 3.44 18.23
CA ILE A 42 4.08 4.34 19.37
C ILE A 42 5.53 4.67 19.72
N ASP A 43 5.76 5.94 20.02
CA ASP A 43 7.10 6.39 20.39
C ASP A 43 6.97 7.68 21.21
N PHE A 44 6.07 7.66 22.18
CA PHE A 44 5.83 8.79 23.05
C PHE A 44 4.71 8.41 24.00
N THR A 45 4.58 9.10 25.13
CA THR A 45 3.51 8.77 26.06
C THR A 45 2.21 9.53 25.79
N ALA A 46 1.09 8.93 26.18
CA ALA A 46 -0.25 9.49 25.94
C ALA A 46 -0.50 10.91 26.42
N ASP A 47 0.07 11.23 27.58
CA ASP A 47 -0.10 12.56 28.15
C ASP A 47 0.39 13.67 27.22
N GLN A 48 1.25 13.32 26.28
CA GLN A 48 1.77 14.27 25.31
C GLN A 48 0.80 14.44 24.15
N VAL A 49 -0.31 13.71 24.17
CA VAL A 49 -1.30 13.79 23.11
C VAL A 49 -2.16 15.03 23.27
N ASP A 50 -1.85 16.03 22.46
CA ASP A 50 -2.53 17.33 22.45
C ASP A 50 -3.95 17.25 21.88
N LEU A 51 -4.97 17.53 22.71
CA LEU A 51 -6.35 17.45 22.22
C LEU A 51 -6.99 18.76 21.80
N THR A 52 -6.20 19.82 21.72
CA THR A 52 -6.73 21.12 21.33
C THR A 52 -7.66 20.97 20.13
N SER A 53 -8.91 21.39 20.29
CA SER A 53 -9.88 21.29 19.21
C SER A 53 -10.58 22.61 18.91
N ALA A 54 -11.11 22.74 17.69
CA ALA A 54 -11.81 23.95 17.29
C ALA A 54 -13.34 23.82 17.32
N LEU A 55 -14.00 24.56 18.19
CA LEU A 55 -15.46 24.47 18.24
C LEU A 55 -16.04 25.24 17.08
N THR A 56 -15.51 26.43 16.84
CA THR A 56 -15.98 27.24 15.73
C THR A 56 -14.73 27.89 15.13
N LYS A 57 -14.90 28.67 14.07
CA LYS A 57 -13.75 29.33 13.44
C LYS A 57 -12.89 30.06 14.47
N LYS A 58 -13.53 30.95 15.22
CA LYS A 58 -12.78 31.74 16.18
C LYS A 58 -12.67 31.17 17.60
N ILE A 59 -13.61 30.32 18.01
CA ILE A 59 -13.54 29.73 19.35
C ILE A 59 -12.80 28.40 19.35
N THR A 60 -11.88 28.21 20.29
CA THR A 60 -11.09 26.97 20.36
C THR A 60 -10.97 26.46 21.79
N LEU A 61 -11.22 25.17 21.99
CA LEU A 61 -11.13 24.57 23.34
C LEU A 61 -9.85 23.74 23.52
N LYS A 62 -9.58 23.35 24.76
CA LYS A 62 -8.39 22.54 25.04
C LYS A 62 -8.69 21.09 24.72
N THR A 63 -9.97 20.73 24.80
CA THR A 63 -10.41 19.37 24.52
C THR A 63 -11.51 19.47 23.47
N PRO A 64 -11.86 18.36 22.83
CA PRO A 64 -12.91 18.35 21.81
C PRO A 64 -14.31 18.04 22.33
N LEU A 65 -14.45 17.95 23.65
CA LEU A 65 -15.73 17.61 24.26
C LEU A 65 -16.73 18.76 24.31
N VAL A 66 -17.99 18.48 23.96
CA VAL A 66 -19.08 19.46 23.94
C VAL A 66 -20.37 18.79 24.37
N SER A 67 -21.06 19.32 25.37
CA SER A 67 -22.32 18.72 25.82
C SER A 67 -23.56 19.27 25.09
N SER A 68 -24.55 18.41 24.87
CA SER A 68 -25.77 18.76 24.13
C SER A 68 -26.84 19.66 24.77
N PRO A 69 -27.49 20.51 23.94
CA PRO A 69 -28.55 21.43 24.35
C PRO A 69 -29.81 20.67 24.65
N MET A 70 -29.70 19.64 25.49
CA MET A 70 -30.87 18.84 25.83
C MET A 70 -31.34 19.17 27.22
N ASP A 71 -32.66 19.26 27.41
CA ASP A 71 -33.20 19.62 28.70
C ASP A 71 -32.80 18.65 29.82
N THR A 72 -32.17 17.54 29.48
CA THR A 72 -31.76 16.59 30.52
C THR A 72 -30.26 16.47 30.64
N VAL A 73 -29.55 17.03 29.68
CA VAL A 73 -28.11 16.96 29.68
C VAL A 73 -27.40 18.24 30.14
N THR A 74 -27.63 19.34 29.43
CA THR A 74 -26.95 20.58 29.78
C THR A 74 -27.78 21.74 30.29
N GLU A 75 -27.29 22.34 31.37
CA GLU A 75 -27.90 23.49 32.04
C GLU A 75 -26.74 24.19 32.75
N ALA A 76 -27.01 25.36 33.32
CA ALA A 76 -25.97 26.15 34.00
C ALA A 76 -24.90 25.34 34.74
N GLY A 77 -25.31 24.37 35.53
CA GLY A 77 -24.33 23.56 36.24
C GLY A 77 -23.41 22.84 35.27
N MET A 78 -24.01 21.96 34.47
CA MET A 78 -23.28 21.18 33.48
C MET A 78 -22.30 22.01 32.65
N ALA A 79 -22.77 23.12 32.09
CA ALA A 79 -21.94 23.98 31.26
C ALA A 79 -20.68 24.43 31.97
N ILE A 80 -20.84 24.91 33.20
CA ILE A 80 -19.72 25.42 33.99
C ILE A 80 -18.61 24.37 34.15
N ALA A 81 -18.98 23.19 34.65
CA ALA A 81 -18.00 22.12 34.84
C ALA A 81 -17.37 21.83 33.52
N MET A 82 -18.21 21.67 32.51
CA MET A 82 -17.80 21.36 31.14
C MET A 82 -16.72 22.33 30.65
N ALA A 83 -16.89 23.61 30.94
CA ALA A 83 -15.91 24.61 30.51
C ALA A 83 -14.62 24.52 31.32
N LEU A 84 -14.77 24.31 32.62
CA LEU A 84 -13.63 24.21 33.51
C LEU A 84 -12.74 23.01 33.19
N THR A 85 -13.38 21.92 32.76
CA THR A 85 -12.66 20.70 32.42
C THR A 85 -12.16 20.68 31.00
N GLY A 86 -12.22 21.81 30.31
CA GLY A 86 -11.72 21.84 28.95
C GLY A 86 -12.72 21.76 27.80
N GLY A 87 -14.00 21.66 28.12
CA GLY A 87 -14.98 21.59 27.06
C GLY A 87 -15.84 22.83 26.96
N ILE A 88 -17.14 22.60 26.83
CA ILE A 88 -18.10 23.68 26.71
C ILE A 88 -19.49 23.04 26.73
N GLY A 89 -20.48 23.75 27.24
CA GLY A 89 -21.81 23.18 27.26
C GLY A 89 -22.73 24.09 26.47
N PHE A 90 -23.92 23.59 26.14
CA PHE A 90 -24.91 24.38 25.41
C PHE A 90 -26.23 24.34 26.15
N ILE A 91 -26.63 25.49 26.71
CA ILE A 91 -27.86 25.54 27.48
C ILE A 91 -29.05 25.30 26.56
N HIS A 92 -29.87 24.31 26.89
CA HIS A 92 -31.01 24.00 26.05
C HIS A 92 -32.00 25.16 26.06
N HIS A 93 -33.06 25.04 25.26
CA HIS A 93 -34.06 26.11 25.19
C HIS A 93 -35.50 25.64 25.39
N ASN A 94 -35.70 24.87 26.45
CA ASN A 94 -37.03 24.41 26.81
C ASN A 94 -37.35 25.10 28.12
N CYS A 95 -37.48 26.41 28.02
CA CYS A 95 -37.78 27.28 29.13
C CYS A 95 -37.92 28.68 28.54
N THR A 96 -38.71 29.53 29.17
CA THR A 96 -38.88 30.89 28.68
C THR A 96 -37.51 31.50 28.43
N PRO A 97 -37.41 32.31 27.37
CA PRO A 97 -36.16 32.97 26.99
C PRO A 97 -35.43 33.59 28.18
N GLU A 98 -36.21 34.07 29.13
CA GLU A 98 -35.69 34.71 30.33
C GLU A 98 -34.87 33.76 31.21
N PHE A 99 -35.47 32.63 31.59
CA PHE A 99 -34.77 31.69 32.46
C PHE A 99 -33.56 31.09 31.80
N GLN A 100 -33.62 30.94 30.48
CA GLN A 100 -32.50 30.39 29.75
C GLN A 100 -31.35 31.40 29.71
N ALA A 101 -31.66 32.63 29.29
CA ALA A 101 -30.65 33.69 29.22
C ALA A 101 -30.08 33.98 30.60
N ASN A 102 -30.82 33.56 31.63
CA ASN A 102 -30.39 33.75 32.99
C ASN A 102 -29.30 32.72 33.26
N GLU A 103 -29.54 31.48 32.81
CA GLU A 103 -28.59 30.38 32.99
C GLU A 103 -27.27 30.72 32.33
N VAL A 104 -27.33 31.43 31.23
CA VAL A 104 -26.12 31.81 30.55
C VAL A 104 -25.30 32.71 31.49
N ARG A 105 -25.94 33.74 32.04
CA ARG A 105 -25.27 34.65 32.96
C ARG A 105 -24.62 33.92 34.13
N LYS A 106 -25.41 33.08 34.79
CA LYS A 106 -24.90 32.32 35.93
C LYS A 106 -23.56 31.69 35.57
N VAL A 107 -23.41 31.30 34.32
CA VAL A 107 -22.17 30.68 33.84
C VAL A 107 -21.12 31.72 33.43
N LYS A 108 -21.53 32.70 32.64
CA LYS A 108 -20.61 33.74 32.19
C LYS A 108 -20.06 34.58 33.35
N LYS A 109 -20.72 34.48 34.50
CA LYS A 109 -20.33 35.22 35.68
C LYS A 109 -19.47 34.38 36.61
N TYR A 110 -19.73 33.08 36.63
CA TYR A 110 -18.99 32.18 37.49
C TYR A 110 -17.47 32.42 37.57
N GLU A 111 -17.02 32.99 38.69
CA GLU A 111 -15.59 33.20 38.92
C GLU A 111 -15.24 32.16 39.97
N GLN A 112 -14.22 31.38 39.66
CA GLN A 112 -13.74 30.32 40.52
C GLN A 112 -13.53 30.84 41.94
N GLY A 113 -14.49 30.55 42.80
CA GLY A 113 -14.41 30.98 44.20
C GLY A 113 -15.64 31.73 44.70
N PHE A 114 -15.93 32.87 44.07
CA PHE A 114 -17.07 33.71 44.44
C PHE A 114 -18.41 33.04 44.26
N ILE A 115 -19.21 33.04 45.32
CA ILE A 115 -20.55 32.44 45.25
C ILE A 115 -21.39 33.26 44.26
N THR A 116 -22.00 32.58 43.30
CA THR A 116 -22.83 33.21 42.28
C THR A 116 -24.28 32.87 42.54
N ASP A 117 -25.19 33.76 42.16
CA ASP A 117 -26.63 33.56 42.37
C ASP A 117 -26.98 33.62 43.86
N PRO A 118 -26.75 34.78 44.49
CA PRO A 118 -27.03 34.98 45.91
C PRO A 118 -28.54 34.89 46.03
N VAL A 119 -29.08 34.83 47.24
CA VAL A 119 -30.53 34.72 47.33
C VAL A 119 -31.27 36.01 47.67
N VAL A 120 -31.60 36.79 46.64
CA VAL A 120 -32.34 38.02 46.85
C VAL A 120 -33.80 37.66 47.09
N LEU A 121 -34.50 37.22 46.03
CA LEU A 121 -35.91 36.85 46.14
C LEU A 121 -36.48 35.96 45.03
N SER A 122 -36.32 34.65 45.20
CA SER A 122 -36.81 33.62 44.29
C SER A 122 -36.84 33.89 42.77
N PRO A 123 -35.81 33.42 42.05
CA PRO A 123 -35.79 33.64 40.60
C PRO A 123 -36.62 32.59 39.88
N GLY A 141 -30.98 31.21 52.95
CA GLY A 141 -30.93 32.47 53.65
C GLY A 141 -30.81 33.64 52.68
N ILE A 142 -31.55 34.72 52.94
CA ILE A 142 -31.53 35.89 52.07
C ILE A 142 -30.62 37.04 52.48
N PRO A 143 -29.74 37.46 51.56
CA PRO A 143 -28.80 38.56 51.76
C PRO A 143 -29.59 39.71 51.12
N ILE A 144 -30.26 40.49 51.95
CA ILE A 144 -31.09 41.60 51.46
C ILE A 144 -30.30 42.69 50.73
N THR A 145 -30.87 43.22 49.66
CA THR A 145 -30.25 44.28 48.86
C THR A 145 -30.93 44.48 47.51
N ASP A 146 -30.24 45.18 46.62
CA ASP A 146 -30.75 45.45 45.28
C ASP A 146 -29.64 45.27 44.22
N THR A 147 -29.28 44.01 43.92
CA THR A 147 -28.23 43.65 42.95
C THR A 147 -27.15 44.74 42.77
N GLY A 148 -26.82 45.36 43.89
CA GLY A 148 -25.83 46.42 43.91
C GLY A 148 -26.50 47.67 44.44
N ARG A 149 -26.83 47.68 45.73
CA ARG A 149 -27.46 48.82 46.38
C ARG A 149 -27.42 48.72 47.91
N MET A 150 -26.41 48.00 48.40
CA MET A 150 -26.17 47.77 49.83
C MET A 150 -27.42 47.52 50.68
N GLY A 151 -27.75 46.25 50.87
CA GLY A 151 -28.90 45.89 51.69
C GLY A 151 -28.39 45.25 52.96
N SER A 152 -27.73 44.11 52.82
CA SER A 152 -27.14 43.35 53.94
C SER A 152 -28.15 42.81 54.95
N ALA A 188 -15.43 45.12 51.96
CA ALA A 188 -15.03 44.18 50.93
C ALA A 188 -14.57 44.89 49.65
N PRO A 189 -13.27 45.25 49.59
CA PRO A 189 -12.63 45.94 48.48
C PRO A 189 -12.31 45.02 47.29
N ALA A 190 -12.79 45.39 46.11
CA ALA A 190 -12.55 44.59 44.93
C ALA A 190 -11.04 44.48 44.65
N GLY A 191 -10.69 43.77 43.59
CA GLY A 191 -9.30 43.59 43.23
C GLY A 191 -8.53 42.71 44.19
N ILE A 192 -9.18 42.33 45.29
CA ILE A 192 -8.56 41.48 46.30
C ILE A 192 -8.54 40.01 45.89
N THR A 193 -7.50 39.29 46.32
CA THR A 193 -7.36 37.87 46.00
C THR A 193 -8.25 37.06 46.95
N LEU A 194 -8.86 36.01 46.43
CA LEU A 194 -9.76 35.18 47.22
C LEU A 194 -9.18 34.88 48.60
N LYS A 195 -7.86 34.86 48.70
CA LYS A 195 -7.19 34.58 49.97
C LYS A 195 -7.47 35.66 51.02
N GLU A 196 -7.26 36.92 50.64
CA GLU A 196 -7.48 38.07 51.53
C GLU A 196 -8.83 37.98 52.28
N ALA A 197 -9.91 37.92 51.49
CA ALA A 197 -11.27 37.83 52.03
C ALA A 197 -11.60 36.49 52.68
N ASN A 198 -11.05 35.40 52.13
CA ASN A 198 -11.28 34.07 52.66
C ASN A 198 -10.88 34.04 54.13
N GLU A 199 -9.91 34.89 54.49
CA GLU A 199 -9.43 34.99 55.86
C GLU A 199 -10.26 36.04 56.58
N ILE A 200 -10.53 37.15 55.90
CA ILE A 200 -11.34 38.23 56.45
C ILE A 200 -12.62 37.68 57.08
N LEU A 201 -13.25 36.71 56.42
CA LEU A 201 -14.49 36.12 56.92
C LEU A 201 -14.32 35.51 58.33
N GLN A 202 -13.13 34.98 58.61
CA GLN A 202 -12.80 34.39 59.91
C GLN A 202 -12.96 35.41 61.05
N ARG A 203 -12.39 36.59 60.86
CA ARG A 203 -12.49 37.66 61.85
C ARG A 203 -13.92 38.18 61.89
N SER A 204 -14.62 38.08 60.77
CA SER A 204 -16.01 38.52 60.68
C SER A 204 -16.88 37.67 61.59
N LYS A 205 -16.25 36.68 62.22
CA LYS A 205 -16.92 35.80 63.16
C LYS A 205 -18.29 35.30 62.70
N LYS A 206 -18.47 35.15 61.39
CA LYS A 206 -19.74 34.66 60.88
C LYS A 206 -19.48 33.69 59.74
N GLY A 207 -19.53 34.18 58.51
CA GLY A 207 -19.29 33.31 57.36
C GLY A 207 -18.99 33.99 56.05
N LYS A 208 -20.03 34.49 55.38
CA LYS A 208 -19.89 35.17 54.10
C LYS A 208 -19.27 36.54 54.22
N LEU A 209 -19.40 37.32 53.16
CA LEU A 209 -18.84 38.68 53.13
C LEU A 209 -19.28 39.35 51.86
N PRO A 210 -20.19 40.32 51.97
CA PRO A 210 -20.69 41.05 50.79
C PRO A 210 -19.60 41.94 50.20
N ILE A 211 -19.35 41.77 48.91
CA ILE A 211 -18.33 42.55 48.21
C ILE A 211 -19.02 43.68 47.45
N VAL A 212 -18.23 44.68 47.06
CA VAL A 212 -18.77 45.82 46.33
C VAL A 212 -17.68 46.77 45.85
N ASN A 213 -18.08 47.68 44.98
CA ASN A 213 -17.16 48.68 44.41
C ASN A 213 -16.73 49.65 45.49
N GLU A 214 -15.80 50.55 45.15
CA GLU A 214 -15.31 51.54 46.10
C GLU A 214 -16.38 52.58 46.45
N ASP A 215 -17.58 52.39 45.90
CA ASP A 215 -18.69 53.31 46.16
C ASP A 215 -19.91 52.60 46.76
N ASP A 216 -19.68 51.54 47.54
CA ASP A 216 -20.73 50.76 48.19
C ASP A 216 -21.82 50.26 47.22
N GLU A 217 -21.42 50.11 45.95
CA GLU A 217 -22.32 49.65 44.90
C GLU A 217 -21.88 48.27 44.42
N VAL A 219 -20.31 43.98 44.18
CA VAL A 219 -20.34 43.03 43.08
C VAL A 219 -21.08 41.75 43.44
N ALA A 220 -20.47 40.97 44.34
CA ALA A 220 -21.04 39.71 44.79
C ALA A 220 -20.59 39.36 46.21
N ILE A 221 -20.81 38.10 46.58
CA ILE A 221 -20.42 37.62 47.90
C ILE A 221 -19.53 36.38 47.80
N ILE A 222 -19.11 35.86 48.96
CA ILE A 222 -18.26 34.67 49.03
C ILE A 222 -18.01 34.31 50.49
N ALA A 223 -18.03 33.01 50.80
CA ALA A 223 -17.80 32.50 52.17
C ALA A 223 -16.70 31.43 52.17
N ASN A 230 -7.50 22.31 46.25
CA ASN A 230 -6.86 22.21 44.94
C ASN A 230 -7.82 22.60 43.82
N ARG A 231 -8.24 23.86 43.80
CA ARG A 231 -9.16 24.33 42.78
C ARG A 231 -8.41 24.92 41.58
N ASP A 232 -7.71 24.06 40.84
CA ASP A 232 -6.98 24.51 39.65
C ASP A 232 -7.58 23.84 38.42
N TYR A 233 -7.81 24.65 37.38
CA TYR A 233 -8.42 24.22 36.13
C TYR A 233 -7.56 24.74 34.99
N PRO A 234 -6.38 24.16 34.83
CA PRO A 234 -5.43 24.54 33.79
C PRO A 234 -5.99 24.60 32.39
N LEU A 235 -6.95 23.72 32.10
CA LEU A 235 -7.51 23.64 30.75
C LEU A 235 -8.84 24.30 30.48
N ALA A 236 -9.47 24.82 31.54
CA ALA A 236 -10.77 25.48 31.43
C ALA A 236 -10.81 26.41 30.21
N SER A 237 -12.00 26.77 29.79
CA SER A 237 -12.17 27.58 28.59
C SER A 237 -12.85 28.93 28.80
N LYS A 238 -12.06 29.99 28.82
CA LYS A 238 -12.58 31.35 29.00
C LYS A 238 -12.47 32.20 27.74
N ASP A 239 -13.10 33.37 27.79
CA ASP A 239 -13.10 34.34 26.68
C ASP A 239 -12.06 35.39 26.99
N ALA A 240 -11.92 36.36 26.10
CA ALA A 240 -10.95 37.43 26.27
C ALA A 240 -11.00 38.06 27.66
N LYS A 241 -12.22 38.30 28.15
CA LYS A 241 -12.39 38.90 29.46
C LYS A 241 -12.38 37.84 30.57
N LYS A 242 -11.53 36.84 30.41
CA LYS A 242 -11.38 35.75 31.37
C LYS A 242 -12.69 35.23 32.00
N GLN A 243 -13.56 34.62 31.20
CA GLN A 243 -14.83 34.08 31.70
C GLN A 243 -15.19 32.79 30.98
N LEU A 244 -15.62 31.79 31.75
CA LEU A 244 -16.02 30.52 31.18
C LEU A 244 -16.91 30.70 29.96
N LEU A 245 -16.48 30.16 28.81
CA LEU A 245 -17.28 30.24 27.60
C LEU A 245 -18.60 29.51 27.85
N CYS A 246 -19.64 29.92 27.14
CA CYS A 246 -20.93 29.29 27.26
C CYS A 246 -21.72 29.51 25.99
N GLY A 247 -22.47 28.50 25.59
CA GLY A 247 -23.27 28.57 24.38
C GLY A 247 -24.70 28.17 24.68
N ALA A 248 -25.56 28.25 23.68
CA ALA A 248 -26.95 27.89 23.88
C ALA A 248 -27.61 27.75 22.53
N ALA A 249 -28.64 26.90 22.47
CA ALA A 249 -29.35 26.63 21.23
C ALA A 249 -30.66 27.39 21.22
N ILE A 250 -31.08 27.79 20.02
CA ILE A 250 -32.34 28.54 19.84
C ILE A 250 -33.01 27.98 18.58
N GLY A 251 -34.21 28.45 18.29
CA GLY A 251 -34.91 27.97 17.10
C GLY A 251 -34.73 28.94 15.95
N THR A 252 -35.47 28.74 14.85
CA THR A 252 -35.34 29.66 13.74
C THR A 252 -36.63 30.47 13.49
N HIS A 253 -37.59 30.32 14.39
CA HIS A 253 -38.84 31.05 14.30
C HIS A 253 -38.57 32.48 14.77
N GLU A 254 -39.54 33.35 14.54
CA GLU A 254 -39.44 34.74 14.91
C GLU A 254 -39.10 34.95 16.38
N ASP A 255 -39.97 34.42 17.23
CA ASP A 255 -39.85 34.53 18.68
C ASP A 255 -38.43 34.32 19.19
N ASP A 256 -37.65 33.56 18.44
CA ASP A 256 -36.28 33.27 18.82
C ASP A 256 -35.35 34.47 18.71
N LYS A 257 -35.66 35.40 17.83
CA LYS A 257 -34.84 36.60 17.65
C LYS A 257 -34.77 37.41 18.94
N TYR A 258 -35.86 37.38 19.71
CA TYR A 258 -35.93 38.07 20.99
C TYR A 258 -35.05 37.29 21.96
N ARG A 259 -35.41 36.01 22.11
CA ARG A 259 -34.72 35.03 22.94
C ARG A 259 -33.23 35.17 22.71
N LEU A 260 -32.85 35.14 21.44
CA LEU A 260 -31.46 35.29 21.03
C LEU A 260 -30.89 36.56 21.67
N ASP A 261 -31.57 37.68 21.43
CA ASP A 261 -31.15 38.97 21.95
C ASP A 261 -30.88 38.90 23.43
N LEU A 262 -31.85 38.43 24.20
CA LEU A 262 -31.64 38.30 25.64
C LEU A 262 -30.32 37.55 25.92
N LEU A 263 -30.15 36.43 25.22
CA LEU A 263 -28.96 35.59 25.34
C LEU A 263 -27.72 36.39 25.00
N ALA A 264 -27.79 37.08 23.87
CA ALA A 264 -26.69 37.92 23.40
C ALA A 264 -26.26 38.85 24.53
N GLN A 265 -27.25 39.49 25.16
CA GLN A 265 -27.05 40.43 26.25
C GLN A 265 -26.51 39.73 27.50
N ALA A 266 -26.87 38.46 27.69
CA ALA A 266 -26.41 37.72 28.85
C ALA A 266 -24.93 37.32 28.73
N GLY A 267 -24.36 37.49 27.55
CA GLY A 267 -22.95 37.17 27.35
C GLY A 267 -22.61 35.84 26.69
N VAL A 268 -23.54 35.26 25.95
CA VAL A 268 -23.29 33.98 25.28
C VAL A 268 -22.24 34.12 24.17
N ASP A 269 -21.34 33.14 24.06
CA ASP A 269 -20.26 33.16 23.06
C ASP A 269 -20.63 32.55 21.70
N VAL A 270 -21.50 31.53 21.72
CA VAL A 270 -21.93 30.85 20.51
C VAL A 270 -23.36 30.37 20.65
N VAL A 271 -24.08 30.47 19.55
CA VAL A 271 -25.46 30.07 19.49
C VAL A 271 -25.60 29.04 18.40
N VAL A 272 -26.10 27.85 18.75
CA VAL A 272 -26.34 26.79 17.77
C VAL A 272 -27.83 26.71 17.42
N LEU A 273 -28.13 26.90 16.14
CA LEU A 273 -29.49 26.87 15.65
C LEU A 273 -30.04 25.45 15.68
N ASP A 274 -30.73 25.12 16.76
CA ASP A 274 -31.31 23.79 16.99
C ASP A 274 -32.35 23.32 15.96
N SER A 275 -32.01 22.30 15.17
CA SER A 275 -32.97 21.80 14.17
C SER A 275 -32.63 20.46 13.54
N SER A 276 -33.66 19.65 13.30
CA SER A 276 -33.46 18.34 12.72
C SER A 276 -32.99 18.45 11.27
N GLN A 277 -33.55 19.40 10.54
CA GLN A 277 -33.22 19.61 9.13
C GLN A 277 -32.81 21.07 9.07
N GLY A 278 -31.52 21.32 9.14
CA GLY A 278 -31.04 22.69 9.14
C GLY A 278 -30.94 23.38 7.80
N ASN A 279 -31.12 22.64 6.72
CA ASN A 279 -31.02 23.23 5.39
C ASN A 279 -32.34 23.81 4.91
N SER A 280 -32.84 24.79 5.66
CA SER A 280 -34.10 25.43 5.33
C SER A 280 -33.88 26.91 5.09
N ILE A 281 -34.79 27.49 4.33
CA ILE A 281 -34.72 28.92 4.07
C ILE A 281 -34.77 29.62 5.44
N PHE A 282 -35.44 28.99 6.39
CA PHE A 282 -35.60 29.53 7.72
C PHE A 282 -34.28 29.63 8.47
N GLN A 283 -33.51 28.54 8.50
CA GLN A 283 -32.23 28.56 9.17
C GLN A 283 -31.28 29.49 8.46
N ILE A 284 -31.37 29.52 7.13
CA ILE A 284 -30.49 30.39 6.36
C ILE A 284 -30.65 31.83 6.78
N ASN A 285 -31.86 32.38 6.64
CA ASN A 285 -32.13 33.77 7.01
C ASN A 285 -31.79 34.03 8.47
N MET A 286 -32.05 33.05 9.32
CA MET A 286 -31.73 33.17 10.73
C MET A 286 -30.21 33.36 10.88
N ILE A 287 -29.42 32.64 10.08
CA ILE A 287 -27.97 32.77 10.12
C ILE A 287 -27.64 34.21 9.73
N LYS A 288 -27.86 34.52 8.45
CA LYS A 288 -27.61 35.84 7.89
C LYS A 288 -27.96 36.94 8.90
N TYR A 289 -29.13 36.81 9.51
CA TYR A 289 -29.59 37.75 10.51
C TYR A 289 -28.51 37.88 11.57
N ILE A 290 -28.39 36.87 12.41
CA ILE A 290 -27.38 36.88 13.49
C ILE A 290 -26.01 37.33 13.02
N LYS A 291 -25.49 36.69 11.98
CA LYS A 291 -24.17 37.04 11.46
C LYS A 291 -24.07 38.57 11.29
N ASP A 292 -25.14 39.17 10.81
CA ASP A 292 -25.18 40.61 10.60
C ASP A 292 -25.32 41.36 11.93
N LYS A 293 -26.52 41.35 12.51
CA LYS A 293 -26.77 42.01 13.77
C LYS A 293 -25.66 41.85 14.82
N TYR A 294 -25.16 40.64 14.99
CA TYR A 294 -24.10 40.39 15.98
C TYR A 294 -22.81 39.83 15.37
N PRO A 295 -21.97 40.70 14.82
CA PRO A 295 -20.69 40.35 14.18
C PRO A 295 -19.68 39.66 15.11
N ASN A 296 -19.95 39.70 16.41
CA ASN A 296 -19.04 39.09 17.37
C ASN A 296 -19.67 37.86 18.03
N LEU A 297 -20.44 37.10 17.25
CA LEU A 297 -21.11 35.92 17.79
C LEU A 297 -21.01 34.77 16.79
N GLN A 298 -20.43 33.66 17.23
CA GLN A 298 -20.27 32.49 16.38
C GLN A 298 -21.58 31.71 16.28
N VAL A 299 -22.02 31.44 15.05
CA VAL A 299 -23.26 30.71 14.82
C VAL A 299 -23.03 29.32 14.26
N ILE A 300 -23.69 28.34 14.88
CA ILE A 300 -23.61 26.92 14.48
C ILE A 300 -24.90 26.51 13.78
N GLY A 301 -24.78 26.18 12.49
CA GLY A 301 -25.94 25.80 11.68
C GLY A 301 -26.66 24.49 11.93
N GLY A 302 -27.97 24.53 11.68
CA GLY A 302 -28.86 23.39 11.86
C GLY A 302 -28.26 22.03 11.56
N ASN A 303 -28.91 20.95 11.97
CA ASN A 303 -28.35 19.64 11.74
C ASN A 303 -28.34 19.22 10.27
N VAL A 304 -27.16 18.82 9.78
CA VAL A 304 -26.99 18.38 8.40
C VAL A 304 -26.32 17.00 8.34
N VAL A 305 -26.29 16.42 7.15
CA VAL A 305 -25.70 15.09 6.97
C VAL A 305 -25.09 14.88 5.58
N THR A 306 -25.11 15.93 4.76
CA THR A 306 -24.56 15.89 3.40
C THR A 306 -23.75 17.17 3.12
N ALA A 307 -23.13 17.27 1.95
CA ALA A 307 -22.38 18.50 1.66
C ALA A 307 -23.33 19.49 1.03
N ALA A 308 -24.29 18.98 0.27
CA ALA A 308 -25.27 19.82 -0.38
C ALA A 308 -25.97 20.65 0.71
N GLN A 309 -26.16 20.06 1.88
CA GLN A 309 -26.79 20.77 2.99
C GLN A 309 -25.81 21.79 3.58
N ALA A 310 -24.62 21.33 3.94
CA ALA A 310 -23.62 22.20 4.52
C ALA A 310 -23.32 23.43 3.68
N LYS A 311 -23.30 23.27 2.36
CA LYS A 311 -23.01 24.40 1.48
C LYS A 311 -23.82 25.64 1.84
N ASN A 312 -25.14 25.58 1.65
CA ASN A 312 -26.00 26.72 1.96
C ASN A 312 -25.63 27.34 3.29
N LEU A 313 -25.81 26.58 4.36
CA LEU A 313 -25.49 27.06 5.69
C LEU A 313 -24.14 27.77 5.76
N ILE A 314 -23.12 27.21 5.10
CA ILE A 314 -21.79 27.81 5.10
C ILE A 314 -21.84 29.14 4.34
N ASP A 315 -22.56 29.16 3.22
CA ASP A 315 -22.70 30.37 2.46
C ASP A 315 -23.55 31.39 3.23
N ALA A 316 -24.53 30.91 3.98
CA ALA A 316 -25.36 31.82 4.78
C ALA A 316 -24.49 32.49 5.81
N GLY A 317 -23.40 31.81 6.18
CA GLY A 317 -22.48 32.39 7.15
C GLY A 317 -22.08 31.62 8.40
N VAL A 318 -22.60 30.41 8.61
CA VAL A 318 -22.26 29.62 9.79
C VAL A 318 -20.77 29.63 10.09
N ASP A 319 -20.42 29.41 11.35
CA ASP A 319 -19.01 29.38 11.78
C ASP A 319 -18.64 27.97 12.22
N ALA A 320 -19.59 27.06 12.07
CA ALA A 320 -19.43 25.65 12.42
C ALA A 320 -20.70 24.94 12.02
N LEU A 321 -20.59 23.64 11.80
CA LEU A 321 -21.74 22.83 11.42
C LEU A 321 -21.97 21.76 12.45
N ARG A 322 -23.23 21.43 12.66
CA ARG A 322 -23.55 20.43 13.64
C ARG A 322 -24.07 19.26 12.86
N VAL A 323 -23.26 18.20 12.72
CA VAL A 323 -23.63 17.03 11.92
C VAL A 323 -24.34 15.96 12.73
N GLY A 324 -25.38 15.36 12.15
CA GLY A 324 -26.14 14.30 12.82
C GLY A 324 -27.63 14.28 12.52
N MET A 325 -28.21 13.10 12.33
CA MET A 325 -29.65 12.96 12.03
C MET A 325 -30.07 11.49 11.98
N GLY A 326 -30.91 11.08 12.91
CA GLY A 326 -31.33 9.70 12.95
C GLY A 326 -30.25 8.98 13.74
N SER A 327 -29.88 9.59 14.86
CA SER A 327 -28.83 9.09 15.73
C SER A 327 -28.98 9.62 17.17
N GLY A 328 -28.57 8.82 18.15
CA GLY A 328 -28.65 9.26 19.52
C GLY A 328 -30.02 9.09 20.13
N SER A 329 -30.42 10.04 20.98
CA SER A 329 -31.71 10.00 21.66
C SER A 329 -32.83 10.62 20.84
N ILE A 330 -34.02 10.05 20.98
CA ILE A 330 -35.19 10.55 20.28
C ILE A 330 -36.08 11.28 21.29
N CYS A 331 -37.01 12.08 20.80
CA CYS A 331 -37.91 12.82 21.69
C CYS A 331 -39.35 12.44 21.33
N ILE A 332 -39.77 12.85 20.14
CA ILE A 332 -41.10 12.54 19.62
C ILE A 332 -40.90 12.45 18.11
N THR A 333 -42.00 12.46 17.37
CA THR A 333 -41.96 12.40 15.91
C THR A 333 -41.24 11.17 15.34
N GLN A 334 -40.29 11.41 14.43
CA GLN A 334 -39.56 10.32 13.80
C GLN A 334 -38.07 10.56 13.68
N GLU A 335 -37.30 10.02 14.62
CA GLU A 335 -35.85 10.19 14.57
C GLU A 335 -35.31 9.38 13.37
N VAL A 336 -35.89 8.21 13.15
CA VAL A 336 -35.48 7.31 12.06
C VAL A 336 -36.29 7.50 10.78
N LEU A 337 -37.04 8.60 10.71
CA LEU A 337 -37.89 8.90 9.56
C LEU A 337 -37.19 8.72 8.22
N ALA A 338 -37.95 8.91 7.15
CA ALA A 338 -37.46 8.80 5.78
C ALA A 338 -35.95 9.05 5.72
N CYS A 339 -35.55 10.20 6.27
CA CYS A 339 -34.15 10.66 6.29
C CYS A 339 -33.49 10.42 7.65
N GLY A 340 -32.25 9.91 7.65
CA GLY A 340 -31.53 9.66 8.90
C GLY A 340 -30.20 8.91 8.86
N ARG A 341 -29.27 9.41 8.03
CA ARG A 341 -27.93 8.85 7.79
C ARG A 341 -27.03 8.41 8.93
N PRO A 342 -26.23 7.36 8.70
CA PRO A 342 -25.28 6.78 9.65
C PRO A 342 -24.23 7.80 10.05
N GLN A 343 -24.05 7.97 11.35
CA GLN A 343 -23.09 8.96 11.85
C GLN A 343 -21.63 8.60 11.72
N ALA A 344 -21.13 8.48 10.50
CA ALA A 344 -19.73 8.17 10.30
C ALA A 344 -19.59 8.56 8.86
N THR A 345 -20.49 8.06 8.02
CA THR A 345 -20.45 8.41 6.60
C THR A 345 -20.79 9.87 6.51
N ALA A 346 -21.65 10.31 7.40
CA ALA A 346 -22.08 11.70 7.42
C ALA A 346 -20.94 12.59 7.89
N VAL A 347 -20.41 12.28 9.07
CA VAL A 347 -19.32 13.07 9.63
C VAL A 347 -18.18 13.15 8.62
N TYR A 348 -17.91 12.05 7.93
CA TYR A 348 -16.85 12.04 6.94
C TYR A 348 -17.21 12.93 5.77
N LYS A 349 -18.36 12.66 5.19
CA LYS A 349 -18.82 13.43 4.05
C LYS A 349 -18.85 14.93 4.36
N VAL A 350 -19.70 15.33 5.31
CA VAL A 350 -19.83 16.74 5.66
C VAL A 350 -18.52 17.42 6.03
N SER A 351 -17.71 16.80 6.87
CA SER A 351 -16.43 17.40 7.26
C SER A 351 -15.58 17.66 6.02
N GLU A 352 -15.38 16.62 5.22
CA GLU A 352 -14.60 16.71 3.99
C GLU A 352 -14.89 17.98 3.22
N TYR A 353 -16.14 18.43 3.25
CA TYR A 353 -16.56 19.65 2.56
C TYR A 353 -16.31 20.88 3.43
N ALA A 354 -16.80 20.81 4.66
CA ALA A 354 -16.67 21.90 5.60
C ALA A 354 -15.24 22.40 5.72
N ARG A 355 -14.28 21.49 5.82
CA ARG A 355 -12.88 21.86 5.97
C ARG A 355 -12.38 22.70 4.84
N ARG A 356 -13.02 22.59 3.69
CA ARG A 356 -12.62 23.37 2.52
C ARG A 356 -12.82 24.86 2.77
N PHE A 357 -13.74 25.21 3.68
CA PHE A 357 -14.05 26.59 3.97
C PHE A 357 -13.62 27.03 5.34
N GLY A 358 -12.92 26.13 6.04
CA GLY A 358 -12.45 26.45 7.37
C GLY A 358 -13.55 26.40 8.41
N VAL A 359 -14.65 25.76 8.06
CA VAL A 359 -15.79 25.62 8.95
C VAL A 359 -15.71 24.28 9.68
N PRO A 360 -15.51 24.32 11.01
CA PRO A 360 -15.44 23.10 11.81
C PRO A 360 -16.79 22.38 11.92
N VAL A 361 -16.72 21.07 12.19
CA VAL A 361 -17.90 20.22 12.35
C VAL A 361 -17.95 19.58 13.72
N ILE A 362 -19.13 19.63 14.32
CA ILE A 362 -19.38 19.00 15.61
C ILE A 362 -20.07 17.69 15.30
N ALA A 363 -19.50 16.58 15.73
CA ALA A 363 -20.14 15.31 15.48
C ALA A 363 -21.21 15.12 16.58
N ASP A 364 -22.43 15.53 16.26
CA ASP A 364 -23.50 15.43 17.23
C ASP A 364 -24.38 14.18 17.18
N GLY A 365 -24.31 13.39 18.25
CA GLY A 365 -25.11 12.18 18.32
C GLY A 365 -24.41 10.85 18.11
N GLY A 366 -24.89 9.84 18.83
CA GLY A 366 -24.35 8.50 18.70
C GLY A 366 -23.00 8.23 19.34
N ILE A 367 -22.78 8.70 20.55
CA ILE A 367 -21.52 8.44 21.20
C ILE A 367 -21.80 7.64 22.43
N GLN A 368 -21.20 6.47 22.55
CA GLN A 368 -21.47 5.65 23.72
C GLN A 368 -20.21 5.39 24.54
N ASN A 369 -19.06 5.58 23.91
CA ASN A 369 -17.80 5.36 24.61
C ASN A 369 -16.67 6.18 24.01
N VAL A 370 -15.53 6.16 24.67
CA VAL A 370 -14.40 6.92 24.20
C VAL A 370 -14.07 6.57 22.76
N GLY A 371 -14.10 5.26 22.46
CA GLY A 371 -13.79 4.80 21.14
C GLY A 371 -14.54 5.57 20.08
N HIS A 372 -15.85 5.69 20.28
CA HIS A 372 -16.70 6.40 19.34
C HIS A 372 -16.13 7.78 19.03
N ILE A 373 -15.68 8.45 20.09
CA ILE A 373 -15.14 9.80 19.95
C ILE A 373 -13.93 9.85 19.06
N ALA A 374 -12.96 8.98 19.36
CA ALA A 374 -11.73 8.92 18.58
C ALA A 374 -12.08 8.75 17.11
N LYS A 375 -13.00 7.82 16.85
CA LYS A 375 -13.49 7.52 15.50
C LYS A 375 -14.20 8.72 14.93
N ALA A 376 -14.92 9.43 15.78
CA ALA A 376 -15.64 10.60 15.32
C ALA A 376 -14.68 11.67 14.83
N LEU A 377 -13.66 11.95 15.64
CA LEU A 377 -12.68 12.96 15.31
C LEU A 377 -11.80 12.52 14.14
N ALA A 378 -11.45 11.24 14.11
CA ALA A 378 -10.60 10.71 13.06
C ALA A 378 -11.17 10.87 11.66
N LEU A 379 -12.49 10.94 11.56
CA LEU A 379 -13.14 11.03 10.27
C LEU A 379 -13.32 12.44 9.77
N GLY A 380 -12.90 13.42 10.56
CA GLY A 380 -13.04 14.80 10.10
C GLY A 380 -13.66 15.74 11.12
N ALA A 381 -14.20 15.19 12.19
CA ALA A 381 -14.83 16.00 13.23
C ALA A 381 -13.80 16.74 14.06
N SER A 382 -14.13 17.98 14.41
CA SER A 382 -13.26 18.84 15.21
C SER A 382 -13.64 18.66 16.68
N THR A 383 -14.94 18.58 16.94
CA THR A 383 -15.42 18.39 18.28
C THR A 383 -16.49 17.31 18.27
N VAL A 384 -16.94 16.88 19.44
CA VAL A 384 -17.98 15.87 19.52
C VAL A 384 -18.96 16.25 20.62
N MET A 385 -20.22 16.20 20.27
CA MET A 385 -21.27 16.54 21.21
C MET A 385 -21.85 15.27 21.77
N MET A 386 -22.08 15.26 23.07
CA MET A 386 -22.65 14.10 23.73
C MET A 386 -23.83 14.55 24.58
N GLY A 387 -24.80 13.68 24.73
CA GLY A 387 -25.94 14.01 25.55
C GLY A 387 -26.02 12.92 26.60
N SER A 388 -26.79 11.89 26.27
CA SER A 388 -26.96 10.75 27.15
C SER A 388 -25.67 10.34 27.87
N LEU A 389 -24.62 10.06 27.11
CA LEU A 389 -23.35 9.66 27.72
C LEU A 389 -22.94 10.54 28.91
N LEU A 390 -23.51 11.74 28.99
CA LEU A 390 -23.20 12.66 30.07
C LEU A 390 -24.33 12.75 31.10
N ALA A 391 -25.55 12.44 30.66
CA ALA A 391 -26.71 12.54 31.52
C ALA A 391 -26.51 11.95 32.93
N ALA A 392 -25.87 10.78 33.02
CA ALA A 392 -25.65 10.14 34.31
C ALA A 392 -24.68 10.89 35.22
N THR A 393 -23.88 11.81 34.68
CA THR A 393 -22.96 12.55 35.53
C THR A 393 -23.85 13.38 36.42
N THR A 394 -23.32 13.78 37.56
CA THR A 394 -24.07 14.55 38.53
C THR A 394 -24.48 15.95 38.08
N GLU A 395 -23.61 16.63 37.34
CA GLU A 395 -23.90 17.98 36.86
C GLU A 395 -25.08 18.06 35.90
N ALA A 396 -25.73 16.93 35.66
CA ALA A 396 -26.88 16.92 34.78
C ALA A 396 -28.13 17.16 35.63
N PRO A 397 -29.04 18.02 35.13
CA PRO A 397 -30.29 18.37 35.82
C PRO A 397 -31.27 17.23 36.08
N GLY A 398 -31.65 17.01 37.34
CA GLY A 398 -32.60 15.94 37.62
C GLY A 398 -32.64 15.26 38.98
N GLU A 399 -33.57 14.31 39.09
CA GLU A 399 -33.78 13.51 40.31
C GLU A 399 -34.93 12.51 40.11
N TYR A 400 -34.60 11.22 40.12
CA TYR A 400 -35.58 10.14 39.95
C TYR A 400 -34.80 8.83 40.02
N PHE A 401 -33.88 8.78 40.98
CA PHE A 401 -33.01 7.65 41.19
C PHE A 401 -33.57 6.61 42.15
N PHE A 402 -33.10 5.38 41.96
CA PHE A 402 -33.44 4.24 42.80
C PHE A 402 -32.08 3.65 43.11
N SER A 403 -31.71 3.66 44.39
CA SER A 403 -30.42 3.15 44.82
C SER A 403 -30.50 1.68 45.22
N ASP A 404 -31.69 1.11 45.14
CA ASP A 404 -31.90 -0.30 45.49
C ASP A 404 -31.26 -1.24 44.48
N GLY A 405 -31.42 -0.92 43.20
CA GLY A 405 -30.85 -1.79 42.18
C GLY A 405 -30.22 -1.25 40.91
N ILE A 406 -31.02 -0.77 39.97
CA ILE A 406 -30.47 -0.32 38.70
C ILE A 406 -30.84 1.05 38.08
N ARG A 407 -30.26 1.30 36.91
CA ARG A 407 -30.44 2.53 36.15
C ARG A 407 -31.78 2.83 35.51
N LEU A 408 -32.29 4.01 35.80
CA LEU A 408 -33.52 4.51 35.22
C LEU A 408 -33.52 5.99 35.57
N LYS A 409 -33.72 6.78 34.53
CA LYS A 409 -33.76 8.22 34.65
C LYS A 409 -34.97 8.63 33.84
N LYS A 410 -35.28 9.92 33.83
CA LYS A 410 -36.44 10.37 33.07
C LYS A 410 -36.05 11.48 32.10
N TYR A 411 -36.60 11.40 30.89
CA TYR A 411 -36.38 12.41 29.87
C TYR A 411 -37.78 12.89 29.48
N ARG A 412 -37.95 14.21 29.45
CA ARG A 412 -39.26 14.80 29.14
C ARG A 412 -39.21 15.95 28.13
N GLY A 413 -40.24 16.05 27.31
CA GLY A 413 -40.27 17.10 26.29
C GLY A 413 -41.60 17.77 25.95
N MET A 414 -41.49 18.81 25.11
CA MET A 414 -42.63 19.60 24.66
C MET A 414 -43.72 18.76 24.01
N ASP A 449 -24.49 6.56 41.02
CA ASP A 449 -23.95 6.49 39.67
C ASP A 449 -23.07 7.62 39.04
N LYS A 450 -22.30 7.42 37.95
CA LYS A 450 -21.55 8.51 37.32
C LYS A 450 -21.31 9.86 37.96
N GLY A 451 -20.10 9.84 38.50
CA GLY A 451 -19.49 10.91 39.24
C GLY A 451 -19.50 12.31 38.65
N SER A 452 -18.76 13.18 39.31
CA SER A 452 -18.70 14.56 38.87
C SER A 452 -18.03 14.60 37.53
N ILE A 453 -18.38 15.60 36.75
CA ILE A 453 -17.82 15.81 35.43
C ILE A 453 -16.33 16.05 35.56
N HIS A 454 -15.88 16.42 36.76
CA HIS A 454 -14.48 16.67 37.01
C HIS A 454 -13.72 15.36 37.14
N LYS A 455 -14.45 14.26 37.02
CA LYS A 455 -13.88 12.93 37.07
C LYS A 455 -14.07 12.35 35.67
N PHE A 456 -15.29 12.48 35.17
CA PHE A 456 -15.63 11.94 33.85
C PHE A 456 -14.81 12.56 32.73
N VAL A 457 -14.93 13.87 32.53
CA VAL A 457 -14.17 14.52 31.47
C VAL A 457 -12.69 14.15 31.50
N PRO A 458 -12.05 14.21 32.67
CA PRO A 458 -10.63 13.85 32.74
C PRO A 458 -10.42 12.41 32.22
N TYR A 459 -11.38 11.55 32.53
CA TYR A 459 -11.36 10.16 32.10
C TYR A 459 -11.50 10.01 30.58
N LEU A 460 -12.35 10.84 29.97
CA LEU A 460 -12.56 10.79 28.53
C LEU A 460 -11.25 11.21 27.87
N ILE A 461 -10.74 12.36 28.27
CA ILE A 461 -9.50 12.87 27.72
C ILE A 461 -8.40 11.81 27.75
N ALA A 462 -8.40 11.02 28.80
CA ALA A 462 -7.39 9.96 28.94
C ALA A 462 -7.52 8.98 27.77
N GLY A 463 -8.73 8.45 27.61
CA GLY A 463 -9.02 7.50 26.54
C GLY A 463 -8.78 8.07 25.17
N ILE A 464 -9.17 9.32 24.98
CA ILE A 464 -8.99 9.96 23.70
C ILE A 464 -7.49 10.13 23.43
N GLN A 465 -6.72 10.53 24.43
CA GLN A 465 -5.28 10.68 24.24
C GLN A 465 -4.71 9.29 23.95
N HIS A 466 -5.13 8.31 24.75
CA HIS A 466 -4.67 6.94 24.59
C HIS A 466 -5.01 6.41 23.21
N SER A 467 -6.19 6.80 22.72
CA SER A 467 -6.66 6.39 21.41
C SER A 467 -5.73 6.96 20.35
N CYS A 468 -5.37 8.24 20.48
CA CYS A 468 -4.46 8.89 19.56
C CYS A 468 -3.08 8.26 19.68
N GLN A 469 -2.72 7.79 20.87
CA GLN A 469 -1.43 7.16 21.04
C GLN A 469 -1.31 5.87 20.21
N ASP A 470 -2.26 4.94 20.41
CA ASP A 470 -2.26 3.66 19.71
C ASP A 470 -2.04 3.78 18.22
N ILE A 471 -2.55 4.85 17.61
CA ILE A 471 -2.39 5.01 16.16
C ILE A 471 -1.12 5.78 15.81
N GLY A 472 -0.41 6.21 16.84
CA GLY A 472 0.83 6.93 16.61
C GLY A 472 0.70 8.42 16.43
N ALA A 473 -0.51 8.94 16.67
CA ALA A 473 -0.79 10.37 16.55
C ALA A 473 -0.52 11.12 17.85
N LYS A 474 -0.07 12.36 17.74
CA LYS A 474 0.23 13.17 18.92
C LYS A 474 -0.73 14.34 19.10
N SER A 475 -1.74 14.42 18.25
CA SER A 475 -2.70 15.49 18.32
C SER A 475 -3.89 15.14 17.46
N LEU A 476 -5.07 15.62 17.87
CA LEU A 476 -6.26 15.33 17.10
C LEU A 476 -6.07 15.79 15.65
N THR A 477 -5.20 16.76 15.45
CA THR A 477 -4.97 17.27 14.10
C THR A 477 -4.11 16.35 13.27
N GLN A 478 -3.15 15.70 13.89
CA GLN A 478 -2.29 14.78 13.17
C GLN A 478 -3.06 13.50 12.89
N VAL A 479 -4.16 13.31 13.61
CA VAL A 479 -4.97 12.11 13.39
C VAL A 479 -5.76 12.36 12.13
N ARG A 480 -6.30 13.57 11.99
CA ARG A 480 -7.07 13.95 10.81
C ARG A 480 -6.20 14.03 9.57
N ALA A 481 -5.00 14.56 9.74
CA ALA A 481 -4.09 14.71 8.61
C ALA A 481 -3.68 13.35 8.13
N MET A 482 -3.58 12.39 9.04
CA MET A 482 -3.19 11.05 8.66
C MET A 482 -4.25 10.29 7.84
N MET A 483 -5.52 10.61 8.05
CA MET A 483 -6.56 9.89 7.33
C MET A 483 -6.83 10.51 5.97
N TYR A 484 -6.73 11.82 5.90
CA TYR A 484 -6.95 12.45 4.63
C TYR A 484 -5.74 12.09 3.78
N SER A 485 -4.62 11.69 4.39
CA SER A 485 -3.46 11.35 3.58
C SER A 485 -3.47 9.89 3.16
N GLY A 486 -4.15 9.07 3.96
CA GLY A 486 -4.21 7.66 3.70
C GLY A 486 -3.23 6.92 4.56
N GLU A 487 -2.47 7.63 5.38
CA GLU A 487 -1.50 6.95 6.25
C GLU A 487 -2.30 6.14 7.26
N LEU A 488 -3.42 6.71 7.68
CA LEU A 488 -4.32 6.09 8.65
C LEU A 488 -5.16 5.09 7.88
N LYS A 489 -5.16 3.84 8.35
CA LYS A 489 -5.90 2.77 7.67
C LYS A 489 -7.02 2.15 8.48
N PHE A 490 -8.17 1.96 7.84
CA PHE A 490 -9.34 1.38 8.50
C PHE A 490 -9.66 0.00 7.99
N GLU A 491 -10.47 -0.72 8.77
CA GLU A 491 -10.93 -2.05 8.39
C GLU A 491 -12.42 -2.16 8.71
N LYS A 492 -13.21 -2.57 7.71
CA LYS A 492 -14.66 -2.71 7.87
C LYS A 492 -14.97 -3.98 8.64
N ARG A 493 -16.06 -3.95 9.39
CA ARG A 493 -16.44 -5.11 10.18
C ARG A 493 -17.81 -5.59 9.76
N THR A 494 -17.91 -6.90 9.57
CA THR A 494 -19.18 -7.50 9.15
C THR A 494 -20.23 -7.43 10.25
N SER A 495 -21.47 -7.69 9.87
CA SER A 495 -22.57 -7.72 10.82
C SER A 495 -22.18 -8.80 11.83
N SER A 496 -22.26 -10.05 11.38
CA SER A 496 -21.90 -11.22 12.18
C SER A 496 -20.61 -10.97 12.94
N ALA A 497 -19.69 -10.25 12.30
CA ALA A 497 -18.40 -9.93 12.91
C ALA A 497 -18.69 -9.19 14.22
N GLN A 498 -19.28 -8.00 14.06
CA GLN A 498 -19.63 -7.14 15.19
C GLN A 498 -20.45 -7.84 16.28
N THR B 10 4.39 16.02 5.45
CA THR B 10 3.65 14.73 5.40
C THR B 10 4.58 13.54 5.48
N SER B 11 5.47 13.42 4.50
CA SER B 11 6.42 12.31 4.47
C SER B 11 5.72 10.96 4.50
N TYR B 12 4.64 10.84 3.74
CA TYR B 12 3.90 9.59 3.72
C TYR B 12 3.94 8.82 2.40
N VAL B 13 3.42 9.42 1.35
CA VAL B 13 3.35 8.81 0.02
C VAL B 13 2.49 7.54 0.01
N PRO B 14 1.37 7.61 -0.71
CA PRO B 14 0.40 6.52 -0.85
C PRO B 14 0.94 5.15 -1.13
N ASP B 15 0.31 4.51 -2.09
CA ASP B 15 0.61 3.17 -2.50
C ASP B 15 0.29 3.10 -3.99
N ASP B 16 1.11 2.37 -4.74
CA ASP B 16 0.91 2.24 -6.17
C ASP B 16 0.89 0.79 -6.64
N GLY B 17 0.67 0.62 -7.93
CA GLY B 17 0.66 -0.68 -8.56
C GLY B 17 -0.03 -1.85 -7.86
N LEU B 18 -0.01 -2.97 -8.55
CA LEU B 18 -0.61 -4.19 -8.06
C LEU B 18 0.52 -5.17 -7.88
N THR B 19 0.31 -6.12 -6.98
CA THR B 19 1.24 -7.18 -6.71
C THR B 19 1.10 -8.12 -7.90
N ALA B 20 2.16 -8.83 -8.24
CA ALA B 20 2.15 -9.75 -9.37
C ALA B 20 0.98 -10.74 -9.34
N GLN B 21 0.66 -11.21 -8.14
CA GLN B 21 -0.42 -12.18 -7.97
C GLN B 21 -1.75 -11.55 -8.35
N GLN B 22 -2.18 -10.59 -7.54
CA GLN B 22 -3.44 -9.90 -7.80
C GLN B 22 -3.54 -9.42 -9.26
N LEU B 23 -2.47 -9.56 -10.04
CA LEU B 23 -2.50 -9.10 -11.42
C LEU B 23 -2.34 -10.20 -12.45
N PHE B 24 -1.64 -11.27 -12.10
CA PHE B 24 -1.42 -12.38 -13.04
C PHE B 24 -2.16 -13.65 -12.74
N ASN B 25 -2.93 -13.66 -11.66
CA ASN B 25 -3.65 -14.85 -11.27
C ASN B 25 -5.17 -14.66 -11.35
N CYS B 26 -5.62 -13.80 -12.27
CA CYS B 26 -7.06 -13.53 -12.41
C CYS B 26 -7.53 -13.12 -13.80
N GLY B 27 -8.25 -14.02 -14.48
CA GLY B 27 -8.79 -13.75 -15.81
C GLY B 27 -8.03 -12.76 -16.69
N ASP B 28 -6.72 -12.85 -16.66
CA ASP B 28 -5.92 -11.92 -17.45
C ASP B 28 -5.63 -12.35 -18.86
N GLY B 29 -4.58 -13.14 -19.02
CA GLY B 29 -4.19 -13.55 -20.34
C GLY B 29 -3.29 -12.43 -20.84
N LEU B 30 -2.35 -12.02 -19.99
CA LEU B 30 -1.43 -10.94 -20.30
C LEU B 30 -0.15 -11.34 -21.04
N THR B 31 0.21 -10.57 -22.05
CA THR B 31 1.43 -10.81 -22.82
C THR B 31 2.46 -9.84 -22.25
N TYR B 32 3.71 -9.95 -22.70
CA TYR B 32 4.77 -9.08 -22.21
C TYR B 32 4.48 -7.62 -22.42
N ASN B 33 3.63 -7.29 -23.38
CA ASN B 33 3.38 -5.87 -23.62
C ASN B 33 2.17 -5.28 -22.94
N ASP B 34 1.44 -6.07 -22.16
CA ASP B 34 0.25 -5.56 -21.49
C ASP B 34 0.50 -4.91 -20.15
N PHE B 35 1.75 -4.80 -19.72
CA PHE B 35 2.03 -4.19 -18.41
C PHE B 35 3.44 -3.65 -18.36
N LEU B 36 3.71 -2.85 -17.34
CA LEU B 36 5.03 -2.27 -17.14
C LEU B 36 5.40 -2.44 -15.67
N ILE B 37 6.63 -2.09 -15.30
CA ILE B 37 7.04 -2.27 -13.92
C ILE B 37 7.47 -0.95 -13.32
N LEU B 38 6.66 -0.43 -12.40
CA LEU B 38 6.97 0.83 -11.72
C LEU B 38 8.36 0.77 -11.09
N PRO B 39 9.20 1.80 -11.33
CA PRO B 39 10.57 1.96 -10.84
C PRO B 39 10.73 2.18 -9.35
N GLY B 40 11.91 1.84 -8.85
CA GLY B 40 12.19 2.00 -7.43
C GLY B 40 13.21 3.07 -7.09
N TYR B 41 14.08 2.74 -6.15
CA TYR B 41 15.13 3.63 -5.69
C TYR B 41 16.51 3.08 -6.07
N ILE B 42 17.28 3.87 -6.81
CA ILE B 42 18.61 3.44 -7.20
C ILE B 42 19.65 3.96 -6.22
N ASP B 43 20.61 3.10 -5.89
CA ASP B 43 21.68 3.48 -4.99
C ASP B 43 22.88 2.55 -5.22
N PHE B 44 23.22 2.38 -6.49
CA PHE B 44 24.35 1.55 -6.90
C PHE B 44 24.41 1.56 -8.40
N THR B 45 25.55 1.21 -8.98
CA THR B 45 25.67 1.20 -10.43
C THR B 45 25.25 -0.12 -11.07
N ALA B 46 24.79 -0.07 -12.32
CA ALA B 46 24.29 -1.25 -13.04
C ALA B 46 25.25 -2.41 -13.15
N ASP B 47 26.54 -2.11 -13.31
CA ASP B 47 27.57 -3.13 -13.44
C ASP B 47 27.58 -4.08 -12.23
N GLN B 48 27.06 -3.61 -11.11
CA GLN B 48 27.02 -4.42 -9.91
C GLN B 48 25.80 -5.34 -9.90
N VAL B 49 24.99 -5.25 -10.96
CA VAL B 49 23.79 -6.07 -11.05
C VAL B 49 24.16 -7.49 -11.48
N ASP B 50 24.17 -8.38 -10.51
CA ASP B 50 24.50 -9.79 -10.68
C ASP B 50 23.44 -10.57 -11.46
N LEU B 51 23.76 -11.08 -12.65
CA LEU B 51 22.77 -11.82 -13.44
C LEU B 51 22.82 -13.33 -13.32
N THR B 52 23.61 -13.84 -12.39
CA THR B 52 23.72 -15.30 -12.23
C THR B 52 22.34 -15.95 -12.26
N SER B 53 22.13 -16.86 -13.20
CA SER B 53 20.85 -17.53 -13.31
C SER B 53 20.96 -19.06 -13.34
N ALA B 54 19.88 -19.74 -12.99
CA ALA B 54 19.88 -21.20 -12.98
C ALA B 54 19.17 -21.82 -14.19
N LEU B 55 19.90 -22.54 -15.02
CA LEU B 55 19.29 -23.16 -16.19
C LEU B 55 18.54 -24.37 -15.73
N THR B 56 19.16 -25.17 -14.88
CA THR B 56 18.50 -26.36 -14.37
C THR B 56 18.90 -26.47 -12.90
N LYS B 57 18.40 -27.47 -12.19
CA LYS B 57 18.73 -27.61 -10.78
C LYS B 57 20.23 -27.55 -10.53
N LYS B 58 20.98 -28.40 -11.22
CA LYS B 58 22.41 -28.43 -11.03
C LYS B 58 23.27 -27.54 -11.94
N ILE B 59 22.76 -27.18 -13.11
CA ILE B 59 23.53 -26.32 -14.02
C ILE B 59 23.20 -24.84 -13.80
N THR B 60 24.21 -23.98 -13.70
CA THR B 60 23.98 -22.56 -13.47
C THR B 60 24.87 -21.70 -14.34
N LEU B 61 24.30 -20.69 -15.00
CA LEU B 61 25.08 -19.80 -15.86
C LEU B 61 25.35 -18.43 -15.23
N LYS B 62 26.22 -17.64 -15.85
CA LYS B 62 26.53 -16.32 -15.31
C LYS B 62 25.46 -15.33 -15.74
N THR B 63 24.79 -15.65 -16.85
CA THR B 63 23.73 -14.80 -17.39
C THR B 63 22.51 -15.70 -17.58
N PRO B 64 21.33 -15.11 -17.77
CA PRO B 64 20.11 -15.88 -17.96
C PRO B 64 19.76 -16.17 -19.41
N LEU B 65 20.66 -15.82 -20.33
CA LEU B 65 20.41 -16.00 -21.75
C LEU B 65 20.60 -17.43 -22.24
N VAL B 66 19.67 -17.90 -23.07
CA VAL B 66 19.65 -19.26 -23.62
C VAL B 66 19.10 -19.21 -25.04
N SER B 67 19.84 -19.73 -26.02
CA SER B 67 19.35 -19.73 -27.41
C SER B 67 18.53 -20.99 -27.77
N SER B 68 17.53 -20.82 -28.64
CA SER B 68 16.62 -21.88 -29.04
C SER B 68 17.10 -23.00 -29.99
N PRO B 69 16.60 -24.24 -29.77
CA PRO B 69 16.92 -25.42 -30.58
C PRO B 69 16.23 -25.31 -31.91
N MET B 70 16.41 -24.19 -32.59
CA MET B 70 15.79 -24.00 -33.90
C MET B 70 16.82 -24.15 -34.99
N ASP B 71 16.43 -24.81 -36.08
CA ASP B 71 17.36 -25.03 -37.19
C ASP B 71 17.92 -23.74 -37.79
N THR B 72 17.39 -22.58 -37.40
CA THR B 72 17.88 -21.33 -37.94
C THR B 72 18.56 -20.48 -36.90
N VAL B 73 18.39 -20.83 -35.64
CA VAL B 73 18.99 -20.07 -34.56
C VAL B 73 20.25 -20.68 -33.97
N THR B 74 20.16 -21.89 -33.42
CA THR B 74 21.32 -22.49 -32.80
C THR B 74 21.91 -23.74 -33.43
N GLU B 75 23.24 -23.72 -33.56
CA GLU B 75 24.06 -24.81 -34.09
C GLU B 75 25.43 -24.64 -33.45
N ALA B 76 26.33 -25.58 -33.68
CA ALA B 76 27.68 -25.56 -33.11
C ALA B 76 28.29 -24.17 -32.92
N GLY B 77 28.25 -23.35 -33.96
CA GLY B 77 28.81 -22.02 -33.84
C GLY B 77 28.10 -21.22 -32.76
N MET B 78 26.81 -20.99 -32.96
CA MET B 78 25.97 -20.24 -32.03
C MET B 78 26.17 -20.68 -30.56
N ALA B 79 26.08 -21.98 -30.32
CA ALA B 79 26.22 -22.50 -28.96
C ALA B 79 27.52 -22.08 -28.30
N ILE B 80 28.63 -22.25 -29.03
CA ILE B 80 29.95 -21.91 -28.50
C ILE B 80 30.04 -20.45 -28.03
N ALA B 81 29.69 -19.52 -28.92
CA ALA B 81 29.73 -18.11 -28.57
C ALA B 81 28.85 -17.89 -27.37
N MET B 82 27.63 -18.44 -27.46
CA MET B 82 26.62 -18.33 -26.42
C MET B 82 27.17 -18.74 -25.05
N ALA B 83 27.95 -19.82 -25.00
CA ALA B 83 28.52 -20.29 -23.76
C ALA B 83 29.64 -19.37 -23.28
N LEU B 84 30.47 -18.93 -24.21
CA LEU B 84 31.59 -18.04 -23.91
C LEU B 84 31.13 -16.70 -23.35
N THR B 85 30.00 -16.22 -23.86
CA THR B 85 29.44 -14.95 -23.45
C THR B 85 28.57 -15.05 -22.21
N GLY B 86 28.56 -16.20 -21.56
CA GLY B 86 27.76 -16.34 -20.35
C GLY B 86 26.42 -17.06 -20.46
N GLY B 87 26.09 -17.53 -21.65
CA GLY B 87 24.83 -18.22 -21.80
C GLY B 87 24.98 -19.70 -22.07
N ILE B 88 24.22 -20.18 -23.05
CA ILE B 88 24.23 -21.58 -23.41
C ILE B 88 23.35 -21.71 -24.65
N GLY B 89 23.66 -22.66 -25.52
CA GLY B 89 22.84 -22.83 -26.70
C GLY B 89 22.29 -24.23 -26.71
N PHE B 90 21.29 -24.48 -27.55
CA PHE B 90 20.70 -25.82 -27.66
C PHE B 90 20.71 -26.24 -29.12
N ILE B 91 21.51 -27.24 -29.45
CA ILE B 91 21.59 -27.68 -30.83
C ILE B 91 20.27 -28.30 -31.25
N HIS B 92 19.70 -27.79 -32.34
CA HIS B 92 18.43 -28.30 -32.81
C HIS B 92 18.57 -29.75 -33.25
N HIS B 93 17.46 -30.38 -33.61
CA HIS B 93 17.49 -31.77 -34.06
C HIS B 93 16.81 -32.04 -35.39
N ASN B 94 17.16 -31.22 -36.38
CA ASN B 94 16.65 -31.36 -37.73
C ASN B 94 17.84 -31.77 -38.57
N CYS B 95 18.35 -32.96 -38.27
CA CYS B 95 19.48 -33.55 -38.93
C CYS B 95 19.66 -34.93 -38.31
N THR B 96 20.23 -35.85 -39.07
CA THR B 96 20.44 -37.20 -38.56
C THR B 96 21.12 -37.10 -37.21
N PRO B 97 20.75 -38.00 -36.29
CA PRO B 97 21.33 -38.03 -34.93
C PRO B 97 22.85 -37.89 -34.92
N GLU B 98 23.48 -38.42 -35.95
CA GLU B 98 24.92 -38.39 -36.09
C GLU B 98 25.47 -36.97 -36.25
N PHE B 99 24.96 -36.22 -37.22
CA PHE B 99 25.46 -34.88 -37.45
C PHE B 99 25.17 -33.95 -36.28
N GLN B 100 24.07 -34.20 -35.60
CA GLN B 100 23.71 -33.39 -34.44
C GLN B 100 24.67 -33.68 -33.28
N ALA B 101 24.83 -34.96 -32.95
CA ALA B 101 25.72 -35.38 -31.86
C ALA B 101 27.15 -34.98 -32.18
N ASN B 102 27.42 -34.74 -33.45
CA ASN B 102 28.74 -34.31 -33.88
C ASN B 102 28.90 -32.85 -33.47
N GLU B 103 27.85 -32.06 -33.71
CA GLU B 103 27.83 -30.63 -33.38
C GLU B 103 28.07 -30.43 -31.90
N VAL B 104 27.54 -31.35 -31.10
CA VAL B 104 27.74 -31.25 -29.68
C VAL B 104 29.23 -31.35 -29.37
N ARG B 105 29.89 -32.37 -29.92
CA ARG B 105 31.31 -32.56 -29.69
C ARG B 105 32.13 -31.34 -30.10
N LYS B 106 31.89 -30.84 -31.32
CA LYS B 106 32.60 -29.67 -31.80
C LYS B 106 32.59 -28.59 -30.74
N VAL B 107 31.50 -28.52 -29.98
CA VAL B 107 31.37 -27.54 -28.91
C VAL B 107 32.01 -27.98 -27.61
N LYS B 108 31.71 -29.21 -27.18
CA LYS B 108 32.28 -29.72 -25.94
C LYS B 108 33.79 -29.86 -26.00
N LYS B 109 34.34 -29.81 -27.21
CA LYS B 109 35.77 -29.93 -27.42
C LYS B 109 36.44 -28.56 -27.54
N TYR B 110 35.71 -27.60 -28.09
CA TYR B 110 36.24 -26.26 -28.26
C TYR B 110 37.06 -25.70 -27.09
N GLU B 111 38.39 -25.67 -27.26
CA GLU B 111 39.26 -25.09 -26.25
C GLU B 111 39.72 -23.77 -26.87
N GLN B 112 39.52 -22.70 -26.10
CA GLN B 112 39.87 -21.34 -26.51
C GLN B 112 41.29 -21.32 -27.07
N GLY B 113 41.40 -21.31 -28.40
CA GLY B 113 42.71 -21.27 -29.05
C GLY B 113 42.93 -22.37 -30.09
N PHE B 114 42.90 -23.62 -29.64
CA PHE B 114 43.10 -24.78 -30.50
C PHE B 114 42.06 -24.93 -31.59
N ILE B 115 42.53 -25.04 -32.84
CA ILE B 115 41.62 -25.20 -33.96
C ILE B 115 40.90 -26.56 -33.82
N THR B 116 39.58 -26.54 -33.88
CA THR B 116 38.77 -27.75 -33.74
C THR B 116 38.17 -28.10 -35.11
N ASP B 117 37.93 -29.39 -35.35
CA ASP B 117 37.38 -29.85 -36.62
C ASP B 117 38.40 -29.69 -37.74
N PRO B 118 39.55 -30.38 -37.64
CA PRO B 118 40.61 -30.31 -38.64
C PRO B 118 40.01 -30.95 -39.90
N VAL B 119 40.68 -30.85 -41.04
CA VAL B 119 40.07 -31.44 -42.21
C VAL B 119 40.65 -32.78 -42.65
N VAL B 120 40.11 -33.86 -42.08
CA VAL B 120 40.56 -35.20 -42.45
C VAL B 120 39.93 -35.55 -43.81
N LEU B 121 38.62 -35.79 -43.82
CA LEU B 121 37.93 -36.13 -45.07
C LEU B 121 36.41 -35.97 -45.08
N SER B 122 35.97 -34.75 -45.39
CA SER B 122 34.56 -34.38 -45.50
C SER B 122 33.52 -35.02 -44.55
N PRO B 123 33.18 -34.30 -43.46
CA PRO B 123 32.19 -34.89 -42.54
C PRO B 123 30.77 -34.59 -43.01
N GLY B 141 42.45 -27.25 -46.82
CA GLY B 141 43.63 -28.11 -46.85
C GLY B 141 43.50 -29.27 -45.89
N ILE B 142 43.93 -30.45 -46.32
CA ILE B 142 43.84 -31.64 -45.49
C ILE B 142 45.10 -32.06 -44.73
N PRO B 143 44.98 -32.22 -43.41
CA PRO B 143 46.07 -32.64 -42.53
C PRO B 143 45.81 -34.14 -42.44
N ILE B 144 46.54 -34.91 -43.25
CA ILE B 144 46.34 -36.36 -43.29
C ILE B 144 46.66 -37.06 -41.97
N THR B 145 45.85 -38.07 -41.64
CA THR B 145 46.03 -38.86 -40.42
C THR B 145 44.81 -39.71 -40.09
N ASP B 146 44.77 -40.19 -38.85
CA ASP B 146 43.65 -41.01 -38.38
C ASP B 146 43.24 -40.60 -36.94
N THR B 147 42.56 -39.47 -36.82
CA THR B 147 42.07 -38.91 -35.54
C THR B 147 42.92 -39.32 -34.33
N GLY B 148 44.23 -39.39 -34.58
CA GLY B 148 45.18 -39.78 -33.56
C GLY B 148 45.90 -41.01 -34.06
N ARG B 149 46.76 -40.84 -35.06
CA ARG B 149 47.54 -41.94 -35.64
C ARG B 149 48.68 -41.42 -36.54
N MET B 150 49.13 -40.20 -36.24
CA MET B 150 50.21 -39.50 -36.97
C MET B 150 50.21 -39.70 -38.49
N GLY B 151 49.60 -38.75 -39.18
CA GLY B 151 49.55 -38.79 -40.64
C GLY B 151 50.43 -37.68 -41.17
N SER B 152 50.04 -36.44 -40.89
CA SER B 152 50.77 -35.24 -41.31
C SER B 152 50.85 -35.02 -42.81
N ALA B 188 55.10 -31.52 -30.73
CA ALA B 188 54.01 -30.81 -30.07
C ALA B 188 53.59 -31.51 -28.77
N PRO B 189 54.27 -31.18 -27.65
CA PRO B 189 54.02 -31.74 -26.32
C PRO B 189 52.82 -31.14 -25.63
N ALA B 190 51.89 -31.99 -25.19
CA ALA B 190 50.69 -31.52 -24.51
C ALA B 190 51.08 -30.76 -23.22
N GLY B 191 50.06 -30.26 -22.52
CA GLY B 191 50.30 -29.53 -21.28
C GLY B 191 50.92 -28.17 -21.50
N ILE B 192 51.30 -27.89 -22.74
CA ILE B 192 51.92 -26.61 -23.10
C ILE B 192 50.90 -25.49 -23.23
N THR B 193 51.32 -24.27 -22.88
CA THR B 193 50.46 -23.09 -22.94
C THR B 193 50.40 -22.61 -24.38
N LEU B 194 49.22 -22.17 -24.82
CA LEU B 194 49.03 -21.71 -26.20
C LEU B 194 50.18 -20.82 -26.65
N LYS B 195 50.82 -20.13 -25.71
CA LYS B 195 51.94 -19.25 -26.02
C LYS B 195 53.14 -20.00 -26.57
N GLU B 196 53.55 -21.05 -25.87
CA GLU B 196 54.69 -21.89 -26.26
C GLU B 196 54.64 -22.26 -27.74
N ALA B 197 53.56 -22.95 -28.12
CA ALA B 197 53.34 -23.40 -29.50
C ALA B 197 53.05 -22.27 -30.49
N ASN B 198 52.34 -21.25 -30.03
CA ASN B 198 52.00 -20.09 -30.87
C ASN B 198 53.28 -19.49 -31.43
N GLU B 199 54.37 -19.63 -30.68
CA GLU B 199 55.68 -19.13 -31.10
C GLU B 199 56.39 -20.23 -31.90
N ILE B 200 56.30 -21.46 -31.40
CA ILE B 200 56.90 -22.61 -32.06
C ILE B 200 56.57 -22.62 -33.56
N LEU B 201 55.32 -22.29 -33.90
CA LEU B 201 54.89 -22.26 -35.30
C LEU B 201 55.74 -21.31 -36.16
N GLN B 202 56.20 -20.22 -35.54
CA GLN B 202 57.03 -19.22 -36.22
C GLN B 202 58.33 -19.84 -36.76
N ARG B 203 59.01 -20.61 -35.90
CA ARG B 203 60.25 -21.28 -36.28
C ARG B 203 59.92 -22.40 -37.27
N SER B 204 58.72 -22.96 -37.17
CA SER B 204 58.27 -24.02 -38.06
C SER B 204 58.18 -23.49 -39.48
N LYS B 205 58.45 -22.20 -39.63
CA LYS B 205 58.45 -21.56 -40.93
C LYS B 205 57.27 -21.93 -41.83
N LYS B 206 56.13 -22.23 -41.23
CA LYS B 206 54.97 -22.57 -42.03
C LYS B 206 53.73 -21.93 -41.40
N GLY B 207 53.01 -22.69 -40.58
CA GLY B 207 51.81 -22.14 -39.96
C GLY B 207 51.27 -22.92 -38.77
N LYS B 208 50.55 -24.01 -39.05
CA LYS B 208 49.97 -24.85 -37.99
C LYS B 208 51.00 -25.65 -37.23
N LEU B 209 50.53 -26.65 -36.49
CA LEU B 209 51.40 -27.50 -35.72
C LEU B 209 50.57 -28.61 -35.11
N PRO B 210 50.74 -29.84 -35.61
CA PRO B 210 50.00 -31.01 -35.12
C PRO B 210 50.45 -31.36 -33.70
N ILE B 211 49.48 -31.44 -32.78
CA ILE B 211 49.75 -31.77 -31.40
C ILE B 211 49.44 -33.24 -31.17
N VAL B 212 49.95 -33.80 -30.08
CA VAL B 212 49.72 -35.20 -29.77
C VAL B 212 50.28 -35.58 -28.41
N ASN B 213 49.90 -36.77 -27.95
CA ASN B 213 50.34 -37.29 -26.66
C ASN B 213 51.82 -37.62 -26.71
N GLU B 214 52.40 -38.00 -25.57
CA GLU B 214 53.81 -38.34 -25.49
C GLU B 214 54.13 -39.63 -26.25
N ASP B 215 53.11 -40.21 -26.89
CA ASP B 215 53.30 -41.44 -27.65
C ASP B 215 52.88 -41.29 -29.11
N ASP B 216 53.07 -40.10 -29.67
CA ASP B 216 52.72 -39.78 -31.06
C ASP B 216 51.28 -40.16 -31.45
N GLU B 217 50.41 -40.17 -30.45
CA GLU B 217 49.00 -40.50 -30.63
C GLU B 217 48.14 -39.26 -30.36
N VAL B 219 46.55 -34.97 -30.16
CA VAL B 219 45.21 -34.52 -29.77
C VAL B 219 44.56 -33.70 -30.87
N ALA B 220 45.11 -32.52 -31.15
CA ALA B 220 44.60 -31.64 -32.20
C ALA B 220 45.70 -30.74 -32.77
N ILE B 221 45.29 -29.70 -33.48
CA ILE B 221 46.22 -28.76 -34.09
C ILE B 221 45.91 -27.31 -33.68
N ILE B 222 46.73 -26.38 -34.17
CA ILE B 222 46.55 -24.96 -33.89
C ILE B 222 47.61 -24.15 -34.65
N ALA B 223 47.20 -23.00 -35.19
CA ALA B 223 48.09 -22.10 -35.95
C ALA B 223 48.04 -20.68 -35.39
N ASN B 230 42.97 -10.14 -27.26
CA ASN B 230 42.20 -10.09 -26.01
C ASN B 230 41.13 -11.18 -25.99
N ARG B 231 41.55 -12.44 -25.97
CA ARG B 231 40.60 -13.55 -25.94
C ARG B 231 40.30 -13.98 -24.51
N ASP B 232 39.60 -13.13 -23.76
CA ASP B 232 39.25 -13.44 -22.37
C ASP B 232 37.72 -13.51 -22.28
N TYR B 233 37.23 -14.56 -21.63
CA TYR B 233 35.80 -14.82 -21.46
C TYR B 233 35.54 -15.13 -20.01
N PRO B 234 35.64 -14.11 -19.16
CA PRO B 234 35.44 -14.26 -17.72
C PRO B 234 34.16 -14.94 -17.31
N LEU B 235 33.10 -14.75 -18.10
CA LEU B 235 31.80 -15.30 -17.75
C LEU B 235 31.35 -16.58 -18.43
N ALA B 236 32.15 -17.04 -19.39
CA ALA B 236 31.85 -18.26 -20.15
C ALA B 236 31.35 -19.36 -19.22
N SER B 237 30.68 -20.36 -19.79
CA SER B 237 30.09 -21.43 -18.99
C SER B 237 30.62 -22.83 -19.28
N LYS B 238 31.50 -23.33 -18.42
CA LYS B 238 32.07 -24.67 -18.58
C LYS B 238 31.59 -25.65 -17.51
N ASP B 239 31.92 -26.92 -17.72
CA ASP B 239 31.55 -28.01 -16.81
C ASP B 239 32.74 -28.29 -15.93
N ALA B 240 32.59 -29.26 -15.04
CA ALA B 240 33.66 -29.65 -14.11
C ALA B 240 34.99 -29.84 -14.81
N LYS B 241 34.98 -30.50 -15.96
CA LYS B 241 36.21 -30.74 -16.72
C LYS B 241 36.53 -29.57 -17.65
N LYS B 242 36.28 -28.35 -17.16
CA LYS B 242 36.53 -27.13 -17.92
C LYS B 242 36.22 -27.17 -19.42
N GLN B 243 34.93 -27.29 -19.75
CA GLN B 243 34.52 -27.33 -21.15
C GLN B 243 33.19 -26.61 -21.35
N LEU B 244 33.10 -25.80 -22.39
CA LEU B 244 31.87 -25.07 -22.68
C LEU B 244 30.65 -25.98 -22.59
N LEU B 245 29.70 -25.62 -21.74
CA LEU B 245 28.48 -26.39 -21.60
C LEU B 245 27.74 -26.36 -22.95
N CYS B 246 26.95 -27.40 -23.21
CA CYS B 246 26.20 -27.47 -24.44
C CYS B 246 25.00 -28.38 -24.22
N GLY B 247 23.87 -28.00 -24.83
CA GLY B 247 22.66 -28.77 -24.70
C GLY B 247 22.09 -29.05 -26.07
N ALA B 248 20.99 -29.80 -26.11
CA ALA B 248 20.38 -30.13 -27.38
C ALA B 248 18.99 -30.69 -27.13
N ALA B 249 18.10 -30.50 -28.10
CA ALA B 249 16.73 -30.96 -27.99
C ALA B 249 16.54 -32.23 -28.77
N ILE B 250 15.64 -33.09 -28.29
CA ILE B 250 15.33 -34.36 -28.94
C ILE B 250 13.83 -34.56 -28.86
N GLY B 251 13.30 -35.61 -29.47
CA GLY B 251 11.87 -35.86 -29.42
C GLY B 251 11.53 -36.87 -28.37
N THR B 252 10.29 -37.36 -28.34
CA THR B 252 9.94 -38.36 -27.34
C THR B 252 9.61 -39.72 -27.96
N HIS B 253 9.83 -39.83 -29.27
CA HIS B 253 9.59 -41.08 -29.97
C HIS B 253 10.75 -41.99 -29.68
N GLU B 254 10.59 -43.26 -30.04
CA GLU B 254 11.60 -44.28 -29.84
C GLU B 254 12.96 -43.90 -30.38
N ASP B 255 12.98 -43.67 -31.69
CA ASP B 255 14.18 -43.31 -32.43
C ASP B 255 15.07 -42.31 -31.70
N ASP B 256 14.46 -41.49 -30.86
CA ASP B 256 15.20 -40.48 -30.11
C ASP B 256 16.10 -41.06 -29.03
N LYS B 257 15.74 -42.23 -28.50
CA LYS B 257 16.52 -42.88 -27.45
C LYS B 257 17.94 -43.17 -27.95
N TYR B 258 18.05 -43.47 -29.24
CA TYR B 258 19.33 -43.74 -29.87
C TYR B 258 20.07 -42.42 -29.99
N ARG B 259 19.41 -41.49 -30.68
CA ARG B 259 19.88 -40.13 -30.90
C ARG B 259 20.38 -39.56 -29.58
N LEU B 260 19.55 -39.68 -28.56
CA LEU B 260 19.90 -39.24 -27.23
C LEU B 260 21.25 -39.85 -26.83
N ASP B 261 21.34 -41.18 -26.91
CA ASP B 261 22.54 -41.92 -26.57
C ASP B 261 23.76 -41.33 -27.25
N LEU B 262 23.70 -41.21 -28.57
CA LEU B 262 24.81 -40.61 -29.30
C LEU B 262 25.23 -39.30 -28.65
N LEU B 263 24.22 -38.45 -28.41
CA LEU B 263 24.40 -37.15 -27.79
C LEU B 263 25.06 -37.30 -26.43
N ALA B 264 24.50 -38.21 -25.62
CA ALA B 264 25.03 -38.48 -24.28
C ALA B 264 26.52 -38.75 -24.38
N GLN B 265 26.89 -39.60 -25.35
CA GLN B 265 28.27 -39.99 -25.59
C GLN B 265 29.11 -38.83 -26.11
N ALA B 266 28.48 -37.91 -26.83
CA ALA B 266 29.20 -36.75 -27.36
C ALA B 266 29.54 -35.73 -26.27
N GLY B 267 28.96 -35.90 -25.08
CA GLY B 267 29.25 -34.99 -23.98
C GLY B 267 28.25 -33.90 -23.68
N VAL B 268 27.00 -34.07 -24.10
CA VAL B 268 25.98 -33.05 -23.84
C VAL B 268 25.66 -32.95 -22.35
N ASP B 269 25.46 -31.72 -21.85
CA ASP B 269 25.17 -31.50 -20.44
C ASP B 269 23.68 -31.49 -20.07
N VAL B 270 22.84 -31.07 -21.01
CA VAL B 270 21.40 -31.02 -20.79
C VAL B 270 20.65 -31.29 -22.09
N VAL B 271 19.56 -32.01 -21.96
CA VAL B 271 18.73 -32.37 -23.09
C VAL B 271 17.34 -31.86 -22.82
N VAL B 272 16.80 -31.03 -23.73
CA VAL B 272 15.45 -30.50 -23.60
C VAL B 272 14.51 -31.27 -24.54
N LEU B 273 13.50 -31.91 -23.96
CA LEU B 273 12.54 -32.68 -24.74
C LEU B 273 11.62 -31.77 -25.54
N ASP B 274 12.00 -31.53 -26.80
CA ASP B 274 11.27 -30.65 -27.72
C ASP B 274 9.82 -31.03 -28.02
N SER B 275 8.86 -30.23 -27.57
CA SER B 275 7.44 -30.55 -27.80
C SER B 275 6.46 -29.41 -27.55
N SER B 276 5.45 -29.31 -28.40
CA SER B 276 4.46 -28.27 -28.24
C SER B 276 3.60 -28.52 -27.00
N GLN B 277 3.25 -29.78 -26.75
CA GLN B 277 2.43 -30.14 -25.60
C GLN B 277 3.27 -31.18 -24.88
N GLY B 278 4.00 -30.75 -23.87
CA GLY B 278 4.88 -31.65 -23.15
C GLY B 278 4.23 -32.52 -22.09
N ASN B 279 2.95 -32.28 -21.79
CA ASN B 279 2.29 -33.07 -20.78
C ASN B 279 1.64 -34.32 -21.35
N SER B 280 2.47 -35.19 -21.91
CA SER B 280 2.00 -36.43 -22.51
C SER B 280 2.63 -37.61 -21.81
N ILE B 281 1.96 -38.75 -21.89
CA ILE B 281 2.49 -39.95 -21.30
C ILE B 281 3.84 -40.22 -21.98
N PHE B 282 3.97 -39.76 -23.22
CA PHE B 282 5.18 -39.95 -24.00
C PHE B 282 6.36 -39.19 -23.41
N GLN B 283 6.18 -37.90 -23.13
CA GLN B 283 7.24 -37.09 -22.53
C GLN B 283 7.56 -37.62 -21.16
N ILE B 284 6.53 -38.02 -20.42
CA ILE B 284 6.74 -38.53 -19.09
C ILE B 284 7.71 -39.70 -19.07
N ASN B 285 7.35 -40.77 -19.77
CA ASN B 285 8.18 -41.97 -19.84
C ASN B 285 9.57 -41.63 -20.36
N MET B 286 9.64 -40.72 -21.32
CA MET B 286 10.91 -40.29 -21.87
C MET B 286 11.75 -39.68 -20.75
N ILE B 287 11.13 -38.91 -19.87
CA ILE B 287 11.85 -38.30 -18.76
C ILE B 287 12.37 -39.43 -17.90
N LYS B 288 11.46 -40.13 -17.23
CA LYS B 288 11.80 -41.25 -16.35
C LYS B 288 12.95 -42.08 -16.94
N TYR B 289 12.85 -42.38 -18.23
CA TYR B 289 13.88 -43.13 -18.92
C TYR B 289 15.21 -42.44 -18.68
N ILE B 290 15.42 -41.31 -19.36
CA ILE B 290 16.67 -40.55 -19.23
C ILE B 290 17.12 -40.37 -17.78
N LYS B 291 16.23 -39.86 -16.94
CA LYS B 291 16.56 -39.65 -15.54
C LYS B 291 17.22 -40.91 -14.97
N ASP B 292 16.70 -42.07 -15.34
CA ASP B 292 17.23 -43.35 -14.88
C ASP B 292 18.55 -43.68 -15.56
N LYS B 293 18.47 -44.10 -16.82
CA LYS B 293 19.65 -44.45 -17.60
C LYS B 293 20.84 -43.50 -17.41
N TYR B 294 20.59 -42.19 -17.45
CA TYR B 294 21.66 -41.21 -17.29
C TYR B 294 21.47 -40.28 -16.09
N PRO B 295 21.84 -40.75 -14.89
CA PRO B 295 21.73 -39.99 -13.63
C PRO B 295 22.53 -38.69 -13.59
N ASN B 296 23.42 -38.50 -14.56
CA ASN B 296 24.24 -37.31 -14.60
C ASN B 296 23.88 -36.41 -15.78
N LEU B 297 22.60 -36.37 -16.11
CA LEU B 297 22.13 -35.57 -17.23
C LEU B 297 20.87 -34.83 -16.87
N GLN B 298 20.90 -33.49 -16.98
CA GLN B 298 19.74 -32.65 -16.65
C GLN B 298 18.73 -32.68 -17.80
N VAL B 299 17.48 -32.98 -17.48
CA VAL B 299 16.42 -33.06 -18.48
C VAL B 299 15.42 -31.93 -18.34
N ILE B 300 15.12 -31.28 -19.47
CA ILE B 300 14.16 -30.18 -19.52
C ILE B 300 12.88 -30.63 -20.22
N GLY B 301 11.79 -30.62 -19.45
CA GLY B 301 10.50 -31.08 -19.95
C GLY B 301 9.74 -30.29 -20.99
N GLY B 302 9.00 -31.03 -21.84
CA GLY B 302 8.21 -30.47 -22.93
C GLY B 302 7.57 -29.13 -22.63
N ASN B 303 7.10 -28.44 -23.66
CA ASN B 303 6.50 -27.12 -23.43
C ASN B 303 5.19 -27.14 -22.67
N VAL B 304 5.11 -26.37 -21.58
CA VAL B 304 3.92 -26.28 -20.77
C VAL B 304 3.49 -24.83 -20.55
N VAL B 305 2.30 -24.63 -19.99
CA VAL B 305 1.78 -23.28 -19.76
C VAL B 305 0.86 -23.18 -18.54
N THR B 306 0.75 -24.28 -17.80
CA THR B 306 -0.09 -24.35 -16.59
C THR B 306 0.67 -25.08 -15.47
N ALA B 307 0.09 -25.18 -14.29
CA ALA B 307 0.77 -25.89 -13.21
C ALA B 307 0.39 -27.34 -13.31
N ALA B 308 -0.84 -27.59 -13.71
CA ALA B 308 -1.34 -28.95 -13.86
C ALA B 308 -0.40 -29.70 -14.82
N GLN B 309 0.12 -28.99 -15.81
CA GLN B 309 1.04 -29.57 -16.77
C GLN B 309 2.39 -29.80 -16.10
N ALA B 310 2.97 -28.75 -15.54
CA ALA B 310 4.25 -28.82 -14.88
C ALA B 310 4.34 -29.93 -13.84
N LYS B 311 3.28 -30.13 -13.09
CA LYS B 311 3.27 -31.17 -12.06
C LYS B 311 3.81 -32.50 -12.55
N ASN B 312 3.07 -33.14 -13.46
CA ASN B 312 3.51 -34.44 -14.00
C ASN B 312 4.99 -34.42 -14.34
N LEU B 313 5.34 -33.59 -15.31
CA LEU B 313 6.71 -33.47 -15.73
C LEU B 313 7.70 -33.39 -14.56
N ILE B 314 7.35 -32.61 -13.54
CA ILE B 314 8.21 -32.46 -12.36
C ILE B 314 8.26 -33.80 -11.61
N ASP B 315 7.12 -34.45 -11.51
CA ASP B 315 7.06 -35.72 -10.84
C ASP B 315 7.79 -36.78 -11.67
N ALA B 316 7.73 -36.67 -12.99
CA ALA B 316 8.41 -37.63 -13.85
C ALA B 316 9.89 -37.49 -13.63
N GLY B 317 10.30 -36.30 -13.20
CA GLY B 317 11.72 -36.07 -12.92
C GLY B 317 12.46 -34.91 -13.54
N VAL B 318 11.81 -34.10 -14.38
CA VAL B 318 12.48 -32.97 -15.03
C VAL B 318 13.34 -32.18 -14.06
N ASP B 319 14.35 -31.49 -14.60
CA ASP B 319 15.25 -30.68 -13.79
C ASP B 319 15.07 -29.19 -14.14
N ALA B 320 14.10 -28.93 -15.02
CA ALA B 320 13.74 -27.60 -15.46
C ALA B 320 12.54 -27.73 -16.39
N LEU B 321 11.79 -26.66 -16.51
CA LEU B 321 10.61 -26.64 -17.36
C LEU B 321 10.79 -25.59 -18.43
N ARG B 322 10.26 -25.87 -19.60
CA ARG B 322 10.38 -24.93 -20.68
C ARG B 322 8.98 -24.42 -20.93
N VAL B 323 8.70 -23.19 -20.50
CA VAL B 323 7.36 -22.61 -20.63
C VAL B 323 7.16 -21.83 -21.92
N GLY B 324 5.98 -22.00 -22.54
CA GLY B 324 5.67 -21.31 -23.78
C GLY B 324 4.79 -22.11 -24.75
N MET B 325 3.82 -21.45 -25.39
CA MET B 325 2.91 -22.13 -26.34
C MET B 325 1.97 -21.12 -27.00
N GLY B 326 2.13 -20.94 -28.31
CA GLY B 326 1.31 -19.98 -29.02
C GLY B 326 2.02 -18.65 -28.85
N SER B 327 3.33 -18.69 -29.07
CA SER B 327 4.17 -17.52 -28.93
C SER B 327 5.49 -17.67 -29.73
N GLY B 328 6.01 -16.55 -30.21
CA GLY B 328 7.25 -16.60 -30.97
C GLY B 328 7.03 -16.97 -32.43
N SER B 329 7.98 -17.73 -32.98
CA SER B 329 7.95 -18.14 -34.37
C SER B 329 7.14 -19.42 -34.58
N ILE B 330 6.46 -19.49 -35.73
CA ILE B 330 5.67 -20.65 -36.08
C ILE B 330 6.43 -21.43 -37.15
N CYS B 331 6.04 -22.69 -37.37
CA CYS B 331 6.70 -23.50 -38.40
C CYS B 331 5.63 -23.99 -39.38
N ILE B 332 4.74 -24.84 -38.89
CA ILE B 332 3.64 -25.36 -39.67
C ILE B 332 2.52 -25.59 -38.65
N THR B 333 1.49 -26.34 -39.05
CA THR B 333 0.36 -26.64 -38.18
C THR B 333 -0.37 -25.42 -37.61
N GLN B 334 -0.52 -25.39 -36.29
CA GLN B 334 -1.24 -24.30 -35.63
C GLN B 334 -0.58 -23.79 -34.36
N GLU B 335 0.20 -22.73 -34.46
CA GLU B 335 0.86 -22.16 -33.29
C GLU B 335 -0.21 -21.55 -32.38
N VAL B 336 -1.21 -20.91 -33.00
CA VAL B 336 -2.30 -20.25 -32.28
C VAL B 336 -3.52 -21.14 -32.10
N LEU B 337 -3.36 -22.44 -32.33
CA LEU B 337 -4.46 -23.41 -32.22
C LEU B 337 -5.27 -23.27 -30.94
N ALA B 338 -6.32 -24.08 -30.84
CA ALA B 338 -7.20 -24.08 -29.69
C ALA B 338 -6.48 -23.59 -28.43
N CYS B 339 -5.33 -24.20 -28.15
CA CYS B 339 -4.51 -23.90 -26.99
C CYS B 339 -3.29 -23.02 -27.33
N GLY B 340 -3.03 -21.99 -26.52
CA GLY B 340 -1.90 -21.11 -26.79
C GLY B 340 -1.72 -19.85 -25.93
N ARG B 341 -1.72 -20.02 -24.61
CA ARG B 341 -1.58 -18.98 -23.57
C ARG B 341 -0.54 -17.87 -23.69
N PRO B 342 -0.91 -16.66 -23.22
CA PRO B 342 -0.06 -15.46 -23.22
C PRO B 342 1.19 -15.70 -22.38
N GLN B 343 2.34 -15.42 -22.97
CA GLN B 343 3.60 -15.64 -22.28
C GLN B 343 3.95 -14.66 -21.18
N ALA B 344 3.17 -14.65 -20.11
CA ALA B 344 3.47 -13.76 -19.00
C ALA B 344 2.62 -14.38 -17.93
N THR B 345 1.36 -14.62 -18.25
CA THR B 345 0.46 -15.25 -17.30
C THR B 345 0.96 -16.67 -17.12
N ALA B 346 1.49 -17.22 -18.20
CA ALA B 346 2.00 -18.59 -18.16
C ALA B 346 3.27 -18.66 -17.33
N VAL B 347 4.24 -17.85 -17.71
CA VAL B 347 5.51 -17.80 -17.01
C VAL B 347 5.27 -17.57 -15.52
N TYR B 348 4.34 -16.70 -15.19
CA TYR B 348 4.02 -16.43 -13.80
C TYR B 348 3.41 -17.64 -13.15
N LYS B 349 2.34 -18.15 -13.76
CA LYS B 349 1.66 -19.31 -13.24
C LYS B 349 2.60 -20.49 -13.06
N VAL B 350 3.15 -21.00 -14.17
CA VAL B 350 4.06 -22.16 -14.09
C VAL B 350 5.24 -21.98 -13.13
N SER B 351 5.93 -20.85 -13.18
CA SER B 351 7.06 -20.63 -12.27
C SER B 351 6.60 -20.74 -10.82
N GLU B 352 5.57 -19.98 -10.47
CA GLU B 352 4.99 -19.99 -9.12
C GLU B 352 4.90 -21.40 -8.55
N TYR B 353 4.64 -22.38 -9.41
CA TYR B 353 4.52 -23.78 -8.99
C TYR B 353 5.89 -24.45 -9.00
N ALA B 354 6.58 -24.32 -10.12
CA ALA B 354 7.89 -24.88 -10.31
C ALA B 354 8.83 -24.60 -9.14
N ARG B 355 8.86 -23.34 -8.71
CA ARG B 355 9.73 -22.92 -7.63
C ARG B 355 9.51 -23.68 -6.37
N ARG B 356 8.31 -24.21 -6.21
CA ARG B 356 7.97 -24.97 -5.01
C ARG B 356 8.79 -26.26 -4.92
N PHE B 357 9.27 -26.74 -6.07
CA PHE B 357 10.04 -27.98 -6.12
C PHE B 357 11.49 -27.76 -6.47
N GLY B 358 11.87 -26.49 -6.61
CA GLY B 358 13.24 -26.16 -6.94
C GLY B 358 13.55 -26.39 -8.41
N VAL B 359 12.49 -26.49 -9.20
CA VAL B 359 12.61 -26.71 -10.64
C VAL B 359 12.57 -25.37 -11.36
N PRO B 360 13.68 -24.95 -12.00
CA PRO B 360 13.73 -23.68 -12.73
C PRO B 360 12.89 -23.71 -14.01
N VAL B 361 12.49 -22.52 -14.46
CA VAL B 361 11.69 -22.35 -15.67
C VAL B 361 12.38 -21.47 -16.70
N ILE B 362 12.38 -21.95 -17.94
CA ILE B 362 12.95 -21.19 -19.05
C ILE B 362 11.78 -20.52 -19.74
N ALA B 363 11.81 -19.20 -19.83
CA ALA B 363 10.72 -18.53 -20.49
C ALA B 363 11.01 -18.61 -22.03
N ASP B 364 10.45 -19.63 -22.67
CA ASP B 364 10.69 -19.82 -24.08
C ASP B 364 9.67 -19.21 -25.03
N GLY B 365 10.13 -18.25 -25.83
CA GLY B 365 9.26 -17.61 -26.80
C GLY B 365 8.75 -16.21 -26.49
N GLY B 366 8.58 -15.42 -27.55
CA GLY B 366 8.07 -14.08 -27.39
C GLY B 366 8.98 -13.01 -26.83
N ILE B 367 10.24 -12.99 -27.25
CA ILE B 367 11.15 -11.98 -26.74
C ILE B 367 11.58 -11.15 -27.90
N GLN B 368 11.35 -9.84 -27.82
CA GLN B 368 11.73 -8.99 -28.92
C GLN B 368 12.75 -7.94 -28.52
N ASN B 369 12.86 -7.69 -27.22
CA ASN B 369 13.81 -6.72 -26.73
C ASN B 369 14.22 -7.00 -25.30
N VAL B 370 15.20 -6.25 -24.83
CA VAL B 370 15.71 -6.46 -23.49
C VAL B 370 14.58 -6.38 -22.47
N GLY B 371 13.71 -5.39 -22.67
CA GLY B 371 12.60 -5.19 -21.76
C GLY B 371 11.84 -6.49 -21.51
N HIS B 372 11.51 -7.18 -22.60
CA HIS B 372 10.78 -8.43 -22.51
C HIS B 372 11.46 -9.38 -21.52
N ILE B 373 12.78 -9.45 -21.64
CA ILE B 373 13.56 -10.34 -20.79
C ILE B 373 13.41 -10.02 -19.32
N ALA B 374 13.61 -8.75 -18.98
CA ALA B 374 13.53 -8.30 -17.60
C ALA B 374 12.19 -8.71 -17.05
N LYS B 375 11.14 -8.45 -17.84
CA LYS B 375 9.77 -8.79 -17.49
C LYS B 375 9.61 -10.29 -17.38
N ALA B 376 10.30 -11.01 -18.26
CA ALA B 376 10.24 -12.44 -18.23
C ALA B 376 10.77 -13.00 -16.92
N LEU B 377 11.95 -12.52 -16.55
CA LEU B 377 12.61 -12.96 -15.34
C LEU B 377 11.87 -12.49 -14.10
N ALA B 378 11.39 -11.26 -14.15
CA ALA B 378 10.69 -10.69 -13.01
C ALA B 378 9.45 -11.46 -12.58
N LEU B 379 8.85 -12.19 -13.51
CA LEU B 379 7.63 -12.92 -13.22
C LEU B 379 7.86 -14.31 -12.68
N GLY B 380 9.12 -14.72 -12.58
CA GLY B 380 9.39 -16.05 -12.05
C GLY B 380 10.36 -16.87 -12.87
N ALA B 381 10.68 -16.39 -14.07
CA ALA B 381 11.62 -17.07 -14.96
C ALA B 381 13.05 -17.00 -14.46
N SER B 382 13.77 -18.12 -14.59
CA SER B 382 15.16 -18.19 -14.19
C SER B 382 16.03 -17.84 -15.40
N THR B 383 15.65 -18.34 -16.56
CA THR B 383 16.38 -18.04 -17.76
C THR B 383 15.37 -17.68 -18.85
N VAL B 384 15.88 -17.25 -20.00
CA VAL B 384 15.03 -16.87 -21.10
C VAL B 384 15.62 -17.40 -22.40
N MET B 385 14.79 -18.06 -23.18
CA MET B 385 15.22 -18.62 -24.44
C MET B 385 14.77 -17.70 -25.55
N MET B 386 15.66 -17.46 -26.50
CA MET B 386 15.35 -16.61 -27.62
C MET B 386 15.74 -17.31 -28.91
N GLY B 387 14.99 -17.04 -29.96
CA GLY B 387 15.31 -17.64 -31.24
C GLY B 387 15.54 -16.50 -32.19
N SER B 388 14.47 -16.10 -32.86
CA SER B 388 14.51 -15.01 -33.80
C SER B 388 15.41 -13.86 -33.35
N LEU B 389 15.13 -13.30 -32.18
CA LEU B 389 15.94 -12.19 -31.69
C LEU B 389 17.45 -12.42 -31.85
N LEU B 390 17.84 -13.67 -32.01
CA LEU B 390 19.27 -13.98 -32.18
C LEU B 390 19.61 -14.35 -33.62
N ALA B 391 18.61 -14.80 -34.38
CA ALA B 391 18.81 -15.22 -35.75
C ALA B 391 19.69 -14.28 -36.57
N ALA B 392 19.45 -12.97 -36.44
CA ALA B 392 20.22 -11.99 -37.20
C ALA B 392 21.69 -11.90 -36.81
N THR B 393 22.07 -12.43 -35.64
CA THR B 393 23.46 -12.37 -35.25
C THR B 393 24.18 -13.25 -36.23
N THR B 394 25.47 -13.03 -36.41
CA THR B 394 26.28 -13.79 -37.34
C THR B 394 26.43 -15.27 -37.02
N GLU B 395 26.56 -15.61 -35.74
CA GLU B 395 26.73 -17.00 -35.33
C GLU B 395 25.54 -17.89 -35.65
N ALA B 396 24.53 -17.33 -36.29
CA ALA B 396 23.36 -18.11 -36.66
C ALA B 396 23.60 -18.70 -38.03
N PRO B 397 23.26 -19.99 -38.22
CA PRO B 397 23.42 -20.71 -39.48
C PRO B 397 22.64 -20.17 -40.69
N GLY B 398 23.33 -19.84 -41.79
CA GLY B 398 22.63 -19.34 -42.96
C GLY B 398 23.31 -18.44 -43.97
N GLU B 399 22.54 -18.07 -44.99
CA GLU B 399 22.98 -17.18 -46.07
C GLU B 399 21.86 -16.98 -47.11
N TYR B 400 21.37 -15.74 -47.19
CA TYR B 400 20.30 -15.35 -48.13
C TYR B 400 20.05 -13.87 -47.92
N PHE B 401 21.14 -13.13 -47.78
CA PHE B 401 21.11 -11.71 -47.54
C PHE B 401 21.11 -10.86 -48.80
N PHE B 402 20.57 -9.66 -48.67
CA PHE B 402 20.52 -8.66 -49.72
C PHE B 402 21.04 -7.42 -49.02
N SER B 403 22.17 -6.91 -49.49
CA SER B 403 22.77 -5.73 -48.88
C SER B 403 22.35 -4.46 -49.56
N ASP B 404 21.50 -4.58 -50.58
CA ASP B 404 21.00 -3.42 -51.32
C ASP B 404 20.03 -2.60 -50.48
N GLY B 405 19.13 -3.27 -49.75
CA GLY B 405 18.18 -2.54 -48.95
C GLY B 405 17.76 -3.01 -47.57
N ILE B 406 16.93 -4.05 -47.51
CA ILE B 406 16.41 -4.48 -46.21
C ILE B 406 16.45 -5.97 -45.77
N ARG B 407 15.92 -6.20 -44.57
CA ARG B 407 15.89 -7.52 -43.95
C ARG B 407 14.95 -8.59 -44.50
N LEU B 408 15.55 -9.74 -44.77
CA LEU B 408 14.82 -10.91 -45.23
C LEU B 408 15.81 -12.04 -45.04
N LYS B 409 15.32 -13.08 -44.37
CA LYS B 409 16.10 -14.26 -44.10
C LYS B 409 15.16 -15.41 -44.44
N LYS B 410 15.66 -16.64 -44.34
CA LYS B 410 14.82 -17.79 -44.65
C LYS B 410 14.77 -18.76 -43.48
N TYR B 411 13.58 -19.29 -43.22
CA TYR B 411 13.37 -20.27 -42.16
C TYR B 411 12.74 -21.46 -42.88
N ARG B 412 13.28 -22.66 -42.65
CA ARG B 412 12.79 -23.86 -43.31
C ARG B 412 12.59 -25.06 -42.37
N GLY B 413 11.57 -25.87 -42.65
CA GLY B 413 11.29 -27.02 -41.80
C GLY B 413 10.79 -28.32 -42.43
N MET B 414 10.72 -29.34 -41.58
CA MET B 414 10.27 -30.68 -41.97
C MET B 414 8.90 -30.68 -42.65
N ASP B 449 24.12 -6.66 -41.20
CA ASP B 449 23.26 -6.73 -40.01
C ASP B 449 23.72 -7.39 -38.68
N LYS B 450 23.08 -7.18 -37.51
CA LYS B 450 23.45 -7.85 -36.26
C LYS B 450 24.70 -8.69 -36.13
N GLY B 451 25.63 -7.94 -35.55
CA GLY B 451 26.98 -8.34 -35.25
C GLY B 451 27.20 -9.66 -34.52
N SER B 452 28.44 -9.84 -34.10
CA SER B 452 28.80 -11.08 -33.44
C SER B 452 28.09 -11.14 -32.13
N ILE B 453 27.84 -12.37 -31.68
CA ILE B 453 27.17 -12.60 -30.41
C ILE B 453 28.02 -12.02 -29.29
N HIS B 454 29.30 -11.82 -29.57
CA HIS B 454 30.22 -11.26 -28.57
C HIS B 454 30.00 -9.77 -28.42
N LYS B 455 29.05 -9.25 -29.21
CA LYS B 455 28.69 -7.85 -29.14
C LYS B 455 27.26 -7.83 -28.62
N PHE B 456 26.41 -8.66 -29.22
CA PHE B 456 25.01 -8.72 -28.82
C PHE B 456 24.80 -9.14 -27.38
N VAL B 457 25.24 -10.33 -26.99
CA VAL B 457 25.06 -10.76 -25.62
C VAL B 457 25.53 -9.73 -24.60
N PRO B 458 26.73 -9.16 -24.80
CA PRO B 458 27.20 -8.16 -23.85
C PRO B 458 26.20 -7.01 -23.76
N TYR B 459 25.61 -6.68 -24.90
CA TYR B 459 24.62 -5.62 -24.99
C TYR B 459 23.31 -5.96 -24.24
N LEU B 460 22.90 -7.22 -24.30
CA LEU B 460 21.68 -7.64 -23.63
C LEU B 460 21.95 -7.55 -22.13
N ILE B 461 23.04 -8.15 -21.69
CA ILE B 461 23.38 -8.12 -20.28
C ILE B 461 23.36 -6.69 -19.73
N ALA B 462 23.77 -5.74 -20.56
CA ALA B 462 23.78 -4.33 -20.17
C ALA B 462 22.38 -3.89 -19.82
N GLY B 463 21.46 -4.08 -20.78
CA GLY B 463 20.06 -3.71 -20.62
C GLY B 463 19.41 -4.42 -19.46
N ILE B 464 19.70 -5.70 -19.33
CA ILE B 464 19.13 -6.48 -18.26
C ILE B 464 19.62 -5.95 -16.91
N GLN B 465 20.92 -5.66 -16.82
CA GLN B 465 21.46 -5.13 -15.58
C GLN B 465 20.80 -3.77 -15.33
N HIS B 466 20.76 -2.95 -16.37
CA HIS B 466 20.17 -1.63 -16.28
C HIS B 466 18.71 -1.72 -15.87
N SER B 467 18.01 -2.74 -16.38
CA SER B 467 16.60 -2.96 -16.07
C SER B 467 16.47 -3.27 -14.58
N CYS B 468 17.37 -4.12 -14.07
CA CYS B 468 17.36 -4.48 -12.66
C CYS B 468 17.72 -3.23 -11.83
N GLN B 469 18.54 -2.36 -12.38
CA GLN B 469 18.91 -1.17 -11.66
C GLN B 469 17.71 -0.25 -11.42
N ASP B 470 17.01 0.10 -12.50
CA ASP B 470 15.86 1.00 -12.41
C ASP B 470 14.86 0.61 -11.33
N ILE B 471 14.70 -0.68 -11.09
CA ILE B 471 13.75 -1.11 -10.07
C ILE B 471 14.41 -1.23 -8.69
N GLY B 472 15.69 -0.96 -8.63
CA GLY B 472 16.40 -1.02 -7.37
C GLY B 472 16.93 -2.38 -6.99
N ALA B 473 16.86 -3.33 -7.92
CA ALA B 473 17.34 -4.69 -7.67
C ALA B 473 18.81 -4.85 -8.04
N LYS B 474 19.52 -5.69 -7.31
CA LYS B 474 20.94 -5.91 -7.58
C LYS B 474 21.26 -7.30 -8.10
N SER B 475 20.21 -8.09 -8.35
CA SER B 475 20.39 -9.44 -8.85
C SER B 475 19.05 -9.94 -9.35
N LEU B 476 19.08 -10.80 -10.35
CA LEU B 476 17.86 -11.36 -10.88
C LEU B 476 17.05 -12.01 -9.76
N THR B 477 17.73 -12.46 -8.73
CA THR B 477 17.09 -13.12 -7.61
C THR B 477 16.35 -12.16 -6.72
N GLN B 478 16.91 -10.97 -6.52
CA GLN B 478 16.25 -10.00 -5.67
C GLN B 478 15.12 -9.39 -6.44
N VAL B 479 15.10 -9.56 -7.75
CA VAL B 479 14.01 -9.01 -8.52
C VAL B 479 12.83 -9.94 -8.33
N ARG B 480 13.10 -11.24 -8.34
CA ARG B 480 12.03 -12.23 -8.13
C ARG B 480 11.51 -12.22 -6.72
N ALA B 481 12.41 -12.02 -5.76
CA ALA B 481 12.02 -12.00 -4.36
C ALA B 481 11.15 -10.79 -4.12
N MET B 482 11.42 -9.70 -4.83
CA MET B 482 10.64 -8.50 -4.66
C MET B 482 9.21 -8.59 -5.19
N MET B 483 8.97 -9.42 -6.20
CA MET B 483 7.63 -9.51 -6.75
C MET B 483 6.78 -10.53 -5.99
N TYR B 484 7.42 -11.58 -5.53
CA TYR B 484 6.67 -12.55 -4.77
C TYR B 484 6.34 -11.88 -3.44
N SER B 485 7.10 -10.85 -3.06
CA SER B 485 6.79 -10.21 -1.79
C SER B 485 5.77 -9.11 -1.93
N GLY B 486 5.69 -8.56 -3.14
CA GLY B 486 4.77 -7.48 -3.40
C GLY B 486 5.48 -6.15 -3.35
N GLU B 487 6.79 -6.16 -3.07
CA GLU B 487 7.51 -4.90 -3.03
C GLU B 487 7.56 -4.35 -4.43
N LEU B 488 7.68 -5.26 -5.39
CA LEU B 488 7.74 -4.91 -6.82
C LEU B 488 6.31 -4.70 -7.28
N LYS B 489 6.03 -3.53 -7.87
CA LYS B 489 4.69 -3.19 -8.31
C LYS B 489 4.53 -3.00 -9.80
N PHE B 490 3.46 -3.57 -10.35
CA PHE B 490 3.18 -3.49 -11.79
C PHE B 490 1.99 -2.63 -12.09
N GLU B 491 1.90 -2.21 -13.36
CA GLU B 491 0.75 -1.45 -13.83
C GLU B 491 0.31 -1.99 -15.18
N LYS B 492 -0.99 -2.30 -15.30
CA LYS B 492 -1.56 -2.85 -16.53
C LYS B 492 -1.71 -1.75 -17.56
N ARG B 493 -1.59 -2.10 -18.83
CA ARG B 493 -1.70 -1.11 -19.89
C ARG B 493 -2.86 -1.48 -20.80
N THR B 494 -3.68 -0.50 -21.11
CA THR B 494 -4.83 -0.71 -21.98
C THR B 494 -4.41 -1.05 -23.42
N SER B 495 -5.33 -1.63 -24.17
CA SER B 495 -5.08 -1.99 -25.57
C SER B 495 -4.56 -0.72 -26.20
N SER B 496 -5.40 0.32 -26.10
CA SER B 496 -5.07 1.65 -26.61
C SER B 496 -3.97 2.31 -25.78
N ALA B 497 -3.22 1.49 -25.05
CA ALA B 497 -2.11 1.96 -24.24
C ALA B 497 -0.93 1.07 -24.62
N GLN B 498 -0.66 1.00 -25.91
CA GLN B 498 0.45 0.21 -26.47
C GLN B 498 1.15 0.99 -27.59
P CPR C . -27.06 11.00 22.13
O1P CPR C . -26.41 11.66 23.27
O2P CPR C . -27.89 9.81 22.37
O3P CPR C . -25.96 10.65 21.01
O5' CPR C . -27.98 12.06 21.35
C5' CPR C . -27.90 13.44 21.62
C4' CPR C . -28.34 14.17 20.38
O4' CPR C . -29.58 13.60 19.84
C3' CPR C . -28.63 15.62 20.59
O3' CPR C . -27.44 16.40 20.50
C2' CPR C . -29.52 15.93 19.44
O2' CPR C . -28.76 16.06 18.24
C1' CPR C . -30.41 14.70 19.34
N9 CPR C . -31.60 14.81 20.24
C8 CPR C . -31.60 15.04 21.55
N7 CPR C . -32.87 15.07 22.00
C5 CPR C . -33.66 14.86 20.97
C6 CPR C . -35.05 14.79 20.81
N1 CPR C . -35.56 14.55 19.60
C2 CPR C . -34.77 14.40 18.53
N3 CPR C . -33.43 14.46 18.65
C4 CPR C . -32.87 14.71 19.85
PA NAD D . -37.60 22.71 13.68
O1A NAD D . -36.44 22.48 12.79
O2A NAD D . -37.41 23.56 14.87
O5B NAD D . -38.84 23.32 12.81
C5B NAD D . -39.89 22.46 12.33
C4B NAD D . -40.52 23.01 11.05
O4B NAD D . -41.31 24.23 11.22
C3B NAD D . -39.44 23.32 10.03
O3B NAD D . -39.10 22.10 9.32
C2B NAD D . -40.12 24.32 9.13
O2B NAD D . -40.90 23.64 8.15
C1B NAD D . -41.07 25.10 10.05
N9A NAD D . -40.50 26.37 10.56
C8A NAD D . -39.43 26.52 11.36
N7A NAD D . -39.24 27.81 11.62
C5A NAD D . -40.19 28.49 10.97
C6A NAD D . -40.53 29.86 10.86
N6A NAD D . -39.81 30.79 11.46
N1A NAD D . -41.61 30.22 10.10
C2A NAD D . -42.36 29.31 9.46
N3A NAD D . -42.06 27.99 9.57
C4A NAD D . -40.98 27.57 10.31
O3 NAD D . -38.19 21.28 14.17
PN NAD D . -37.61 19.84 13.65
O1N NAD D . -36.26 19.63 14.23
O2N NAD D . -37.75 19.76 12.17
O5D NAD D . -38.65 18.77 14.35
C5D NAD D . -39.40 19.03 15.60
C4D NAD D . -38.47 19.23 16.83
O4D NAD D . -37.50 18.14 16.97
C3D NAD D . -37.67 20.52 16.76
O3D NAD D . -38.39 21.61 17.35
C2D NAD D . -36.40 20.23 17.53
O2D NAD D . -36.43 20.82 18.84
C1D NAD D . -36.29 18.67 17.61
N1N NAD D . -35.03 18.08 17.00
C2N NAD D . -33.80 18.70 17.32
C3N NAD D . -32.60 18.21 16.80
C7N NAD D . -31.35 18.95 17.23
O7N NAD D . -30.32 18.89 16.61
N7N NAD D . -31.47 19.59 18.37
C4N NAD D . -32.60 17.09 15.93
C5N NAD D . -33.81 16.43 15.58
C6N NAD D . -35.04 16.93 16.12
P CPR E . 10.85 -16.59 -30.75
O1P CPR E . 12.33 -16.52 -30.70
O2P CPR E . 10.15 -15.92 -31.87
O3P CPR E . 10.24 -16.07 -29.37
O5' CPR E . 10.38 -18.12 -30.76
C5' CPR E . 11.29 -19.17 -30.52
C4' CPR E . 10.51 -20.31 -29.92
O4' CPR E . 9.30 -20.59 -30.67
C3' CPR E . 11.28 -21.60 -29.89
O3' CPR E . 12.07 -21.68 -28.72
C2' CPR E . 10.20 -22.61 -29.84
O2' CPR E . 9.70 -22.69 -28.51
C1' CPR E . 9.11 -22.04 -30.75
N9 CPR E . 9.31 -22.42 -32.17
C8 CPR E . 10.41 -22.20 -32.92
N7 CPR E . 10.20 -22.69 -34.15
C5 CPR E . 8.98 -23.22 -34.18
C6 CPR E . 8.24 -23.85 -35.17
N1 CPR E . 7.00 -24.28 -34.88
C2 CPR E . 6.48 -24.11 -33.66
N3 CPR E . 7.17 -23.50 -32.69
C4 CPR E . 8.42 -23.04 -32.93
PA NAD F . 5.55 -33.69 -30.83
O1A NAD F . 5.26 -33.15 -29.48
O2A NAD F . 6.96 -33.99 -31.17
O5B NAD F . 4.67 -35.03 -31.10
C5B NAD F . 3.44 -34.95 -31.84
C4B NAD F . 2.46 -36.05 -31.42
O4B NAD F . 2.85 -37.41 -31.81
C3B NAD F . 2.29 -36.05 -29.91
O3B NAD F . 1.30 -35.05 -29.55
C2B NAD F . 1.81 -37.45 -29.64
O2B NAD F . 0.40 -37.52 -29.82
C1B NAD F . 2.48 -38.33 -30.71
N9A NAD F . 3.73 -38.97 -30.25
C8A NAD F . 4.87 -38.36 -29.86
N7A NAD F . 5.77 -39.28 -29.53
C5A NAD F . 5.22 -40.48 -29.70
C6A NAD F . 5.65 -41.80 -29.53
N6A NAD F . 6.86 -42.07 -29.10
N1A NAD F . 4.79 -42.84 -29.81
C2A NAD F . 3.54 -42.61 -30.24
N3A NAD F . 3.11 -41.34 -30.42
C4A NAD F . 3.93 -40.27 -30.16
O3 NAD F . 4.97 -32.65 -31.95
PN NAD F . 4.13 -31.31 -31.57
O1N NAD F . 5.04 -30.32 -30.95
O2N NAD F . 2.90 -31.69 -30.82
O5D NAD F . 3.69 -30.74 -33.07
C5D NAD F . 4.46 -31.00 -34.30
C4D NAD F . 5.88 -30.39 -34.27
O4D NAD F . 5.87 -28.98 -33.90
C3D NAD F . 6.80 -31.08 -33.28
O3D NAD F . 7.49 -32.19 -33.89
C2D NAD F . 7.79 -30.02 -32.83
O2D NAD F . 9.05 -30.18 -33.48
C1D NAD F . 7.14 -28.66 -33.22
N1N NAD F . 6.92 -27.71 -32.04
C2N NAD F . 7.99 -27.54 -31.14
C3N NAD F . 7.87 -26.68 -30.05
C7N NAD F . 9.09 -26.57 -29.13
O7N NAD F . 9.01 -26.18 -27.99
N7N NAD F . 10.25 -26.84 -29.69
C4N NAD F . 6.66 -25.97 -29.83
C5N NAD F . 5.55 -26.12 -30.71
C6N NAD F . 5.67 -26.99 -31.84
#